data_3EQW
# 
_entry.id   3EQW 
# 
_audit_conform.dict_name       mmcif_pdbx.dic 
_audit_conform.dict_version    5.378 
_audit_conform.dict_location   http://mmcif.pdb.org/dictionaries/ascii/mmcif_pdbx.dic 
# 
loop_
_database_2.database_id 
_database_2.database_code 
_database_2.pdbx_database_accession 
_database_2.pdbx_DOI 
PDB   3EQW         pdb_00003eqw 10.2210/pdb3eqw/pdb 
NDB   DD0096       ?            ?                   
RCSB  RCSB049663   ?            ?                   
WWPDB D_1000049663 ?            ?                   
# 
loop_
_pdbx_database_related.db_name 
_pdbx_database_related.db_id 
_pdbx_database_related.details 
_pdbx_database_related.content_type 
PDB 1L1H 'Same quadruplex structure bound with a different ligand BSU-6039' unspecified 
PDB 1JPQ 'Same quadruplex structure in its native form (ligand-free)' unspecified 
PDB 1JRN 'Same quadruplex structure in its native form (ligand-free)' unspecified 
PDB 3CE5 
'A bimolecular parallel-stranded human telomeric quadruplex in complex with a 3,6,9-trisubstituted acridine molecule BRACO19'    
unspecified 
PDB 3EM2 
'A bimolecular anti-parallel-stranded Oxytricha nova telomeric quadruplex in complex with a 3,6-disubstituted acridine BSU-6038' 
unspecified 
PDB 3ERU 
'A bimolecular anti-parallel-stranded Oxytricha nova telomeric quadruplex in complex with a 3,6-disubstituted acridine BSU-6045' 
unspecified 
PDB 3ES0 
'A bimolecular anti-parallel-stranded Oxytricha nova telomeric quadruplex in complex with a 3,6-disubstituted acridine BSU-6048' 
unspecified 
PDB 3ET8 
'A bimolecular anti-parallel-stranded Oxytricha nova telomeric quadruplex in complex with a 3,6-disubstituted acridine BSU-6054' 
unspecified 
# 
_pdbx_database_status.status_code                     REL 
_pdbx_database_status.entry_id                        3EQW 
_pdbx_database_status.recvd_initial_deposition_date   2008-10-01 
_pdbx_database_status.deposit_site                    RCSB 
_pdbx_database_status.process_site                    RCSB 
_pdbx_database_status.status_code_sf                  REL 
_pdbx_database_status.status_code_mr                  ? 
_pdbx_database_status.SG_entry                        ? 
_pdbx_database_status.pdb_format_compatible           Y 
_pdbx_database_status.status_code_cs                  ? 
_pdbx_database_status.status_code_nmr_data            ? 
_pdbx_database_status.methods_development_category    ? 
# 
loop_
_audit_author.name 
_audit_author.pdbx_ordinal 
'Campbell, N.H.' 1 
'Parkinson, G.'  2 
'Neidle, S.'     3 
# 
_citation.id                        primary 
_citation.title                     'Selectivity in Ligand Recognition of G-Quadruplex Loops.' 
_citation.journal_abbrev            Biochemistry 
_citation.journal_volume            48 
_citation.page_first                1675 
_citation.page_last                 1680 
_citation.year                      2009 
_citation.journal_id_ASTM           BICHAW 
_citation.country                   US 
_citation.journal_id_ISSN           0006-2960 
_citation.journal_id_CSD            0033 
_citation.book_publisher            ? 
_citation.pdbx_database_id_PubMed   19173611 
_citation.pdbx_database_id_DOI      10.1021/bi802233v 
# 
loop_
_citation_author.citation_id 
_citation_author.name 
_citation_author.ordinal 
_citation_author.identifier_ORCID 
primary 'Campbell, N.H.'  1 ? 
primary 'Patel, M.'       2 ? 
primary 'Tofa, A.B.'      3 ? 
primary 'Ghosh, R.'       4 ? 
primary 'Parkinson, G.N.' 5 ? 
primary 'Neidle, S.'      6 ? 
# 
_cell.entry_id           3EQW 
_cell.length_a           55.279 
_cell.length_b           42.729 
_cell.length_c           26.617 
_cell.angle_alpha        90.00 
_cell.angle_beta         90.00 
_cell.angle_gamma        90.00 
_cell.Z_PDB              8 
_cell.pdbx_unique_axis   ? 
_cell.length_a_esd       ? 
_cell.length_b_esd       ? 
_cell.length_c_esd       ? 
_cell.angle_alpha_esd    ? 
_cell.angle_beta_esd     ? 
_cell.angle_gamma_esd    ? 
# 
_symmetry.entry_id                         3EQW 
_symmetry.space_group_name_H-M             'P 21 21 2' 
_symmetry.pdbx_full_space_group_name_H-M   ? 
_symmetry.cell_setting                     ? 
_symmetry.Int_Tables_number                18 
_symmetry.space_group_name_Hall            ? 
# 
loop_
_entity.id 
_entity.type 
_entity.src_method 
_entity.pdbx_description 
_entity.formula_weight 
_entity.pdbx_number_of_molecules 
_entity.pdbx_ec 
_entity.pdbx_mutation 
_entity.pdbx_fragment 
_entity.details 
1 polymer     syn "5'-D(*DGP*DGP*DGP*DGP*DTP*DTP*DTP*DTP*DGP*DGP*DGP*DG)-3'"  3805.460 2  ? ? ? 
'Bimolecular anti-parallel-stranded DNA quadruplex' 
2 non-polymer syn 'POTASSIUM ION'                                             39.098   4  ? ? ? ? 
3 non-polymer syn '3,6-Bis{3-[(2R)-(2-ethylpiperidino)]propionamido}acridine' 543.743  1  ? ? ? ? 
4 water       nat water                                                       18.015   66 ? ? ? ? 
# 
_entity_poly.entity_id                      1 
_entity_poly.type                           polydeoxyribonucleotide 
_entity_poly.nstd_linkage                   no 
_entity_poly.nstd_monomer                   no 
_entity_poly.pdbx_seq_one_letter_code       '(DG)(DG)(DG)(DG)(DT)(DT)(DT)(DT)(DG)(DG)(DG)(DG)' 
_entity_poly.pdbx_seq_one_letter_code_can   GGGGTTTTGGGG 
_entity_poly.pdbx_strand_id                 A,B 
_entity_poly.pdbx_target_identifier         ? 
# 
loop_
_entity_poly_seq.entity_id 
_entity_poly_seq.num 
_entity_poly_seq.mon_id 
_entity_poly_seq.hetero 
1 1  DG n 
1 2  DG n 
1 3  DG n 
1 4  DG n 
1 5  DT n 
1 6  DT n 
1 7  DT n 
1 8  DT n 
1 9  DG n 
1 10 DG n 
1 11 DG n 
1 12 DG n 
# 
_pdbx_entity_src_syn.entity_id              1 
_pdbx_entity_src_syn.pdbx_src_id            1 
_pdbx_entity_src_syn.pdbx_alt_source_flag   sample 
_pdbx_entity_src_syn.pdbx_beg_seq_num       ? 
_pdbx_entity_src_syn.pdbx_end_seq_num       ? 
_pdbx_entity_src_syn.organism_scientific    ? 
_pdbx_entity_src_syn.organism_common_name   ? 
_pdbx_entity_src_syn.ncbi_taxonomy_id       ? 
_pdbx_entity_src_syn.details                'The sequence occurs naturally in Oxytricha nova' 
# 
_struct_ref.id                         1 
_struct_ref.db_name                    PDB 
_struct_ref.db_code                    3EQW 
_struct_ref.pdbx_db_accession          3EQW 
_struct_ref.entity_id                  1 
_struct_ref.pdbx_align_begin           1 
_struct_ref.pdbx_seq_one_letter_code   GGGGTTTTGGGG 
_struct_ref.pdbx_db_isoform            ? 
# 
loop_
_struct_ref_seq.align_id 
_struct_ref_seq.ref_id 
_struct_ref_seq.pdbx_PDB_id_code 
_struct_ref_seq.pdbx_strand_id 
_struct_ref_seq.seq_align_beg 
_struct_ref_seq.pdbx_seq_align_beg_ins_code 
_struct_ref_seq.seq_align_end 
_struct_ref_seq.pdbx_seq_align_end_ins_code 
_struct_ref_seq.pdbx_db_accession 
_struct_ref_seq.db_align_beg 
_struct_ref_seq.pdbx_db_align_beg_ins_code 
_struct_ref_seq.db_align_end 
_struct_ref_seq.pdbx_db_align_end_ins_code 
_struct_ref_seq.pdbx_auth_seq_align_beg 
_struct_ref_seq.pdbx_auth_seq_align_end 
1 1 3EQW A 1 ? 12 ? 3EQW 1  ? 12 ? 1  12 
2 1 3EQW B 1 ? 12 ? 3EQW 13 ? 24 ? 13 24 
# 
loop_
_chem_comp.id 
_chem_comp.type 
_chem_comp.mon_nstd_flag 
_chem_comp.name 
_chem_comp.pdbx_synonyms 
_chem_comp.formula 
_chem_comp.formula_weight 
DG  'DNA linking' y "2'-DEOXYGUANOSINE-5'-MONOPHOSPHATE"                        ? 'C10 H14 N5 O7 P' 347.221 
DT  'DNA linking' y "THYMIDINE-5'-MONOPHOSPHATE"                                ? 'C10 H15 N2 O8 P' 322.208 
HOH non-polymer   . WATER                                                       ? 'H2 O'            18.015  
K   non-polymer   . 'POTASSIUM ION'                                             ? 'K 1'             39.098  
NCI non-polymer   . '3,6-Bis{3-[(2R)-(2-ethylpiperidino)]propionamido}acridine' 
"N,N'-acridine-3,6-diylbis{3-[(2R)-2-ethylpiperidin-1-yl]propanamide}" 'C33 H45 N5 O2'   543.743 
# 
_exptl.entry_id          3EQW 
_exptl.method            'X-RAY DIFFRACTION' 
_exptl.crystals_number   1 
# 
_exptl_crystal.id                    1 
_exptl_crystal.density_meas          ? 
_exptl_crystal.density_Matthews      2.07 
_exptl_crystal.density_percent_sol   40.44 
_exptl_crystal.description           ? 
_exptl_crystal.F_000                 ? 
_exptl_crystal.preparation           ? 
# 
_exptl_crystal_grow.crystal_id      1 
_exptl_crystal_grow.method          'VAPOR DIFFUSION, HANGING DROP' 
_exptl_crystal_grow.temp            285.15 
_exptl_crystal_grow.temp_details    ? 
_exptl_crystal_grow.pH              7.0 
_exptl_crystal_grow.pdbx_details    
;2 microliter drops containing 5% v/v MPD, 0.50 mM DNA, 0.25 mM Ligand, 40 mM Potassium chloride, 5 mM Magnesium chloride, 4.1 mM Spermine equilibrated against 35% v/v MPD, pH 7.0, VAPOR DIFFUSION, HANGING DROP, temperature 285.15K
;
_exptl_crystal_grow.pdbx_pH_range   ? 
# 
loop_
_exptl_crystal_grow_comp.crystal_id 
_exptl_crystal_grow_comp.id 
_exptl_crystal_grow_comp.sol_id 
_exptl_crystal_grow_comp.name 
_exptl_crystal_grow_comp.volume 
_exptl_crystal_grow_comp.conc 
_exptl_crystal_grow_comp.details 
1 1 1 MPD                  ? ? ? 
1 2 1 'Potassium chloride' ? ? ? 
1 3 1 'Magnesium chloride' ? ? ? 
1 4 1 Spermine             ? ? ? 
1 5 2 MPD                  ? ? ? 
# 
_diffrn.id                     1 
_diffrn.ambient_temp           105 
_diffrn.ambient_temp_details   ? 
_diffrn.crystal_id             1 
# 
_diffrn_detector.diffrn_id              1 
_diffrn_detector.detector               'IMAGE PLATE' 
_diffrn_detector.type                   'RIGAKU RAXIS IV' 
_diffrn_detector.pdbx_collection_date   2006-06-27 
_diffrn_detector.details                mirrors 
# 
_diffrn_radiation.diffrn_id                        1 
_diffrn_radiation.wavelength_id                    1 
_diffrn_radiation.pdbx_monochromatic_or_laue_m_l   M 
_diffrn_radiation.monochromator                    'Osmic mirrors' 
_diffrn_radiation.pdbx_diffrn_protocol             'SINGLE WAVELENGTH' 
_diffrn_radiation.pdbx_scattering_type             x-ray 
# 
_diffrn_radiation_wavelength.id           1 
_diffrn_radiation_wavelength.wavelength   1.5418 
_diffrn_radiation_wavelength.wt           1.0 
# 
_diffrn_source.diffrn_id                   1 
_diffrn_source.source                      'ROTATING ANODE' 
_diffrn_source.type                        'RIGAKU RU200' 
_diffrn_source.pdbx_synchrotron_site       ? 
_diffrn_source.pdbx_synchrotron_beamline   ? 
_diffrn_source.pdbx_wavelength             ? 
_diffrn_source.pdbx_wavelength_list        1.5418 
# 
_reflns.entry_id                     3EQW 
_reflns.observed_criterion_sigma_I   3.00 
_reflns.observed_criterion_sigma_F   ? 
_reflns.d_resolution_low             22.59 
_reflns.d_resolution_high            2.20 
_reflns.number_obs                   3454 
_reflns.number_all                   3468 
_reflns.percent_possible_obs         99.6 
_reflns.pdbx_Rmerge_I_obs            0.092 
_reflns.pdbx_Rsym_value              ? 
_reflns.pdbx_netI_over_sigmaI        11.3 
_reflns.B_iso_Wilson_estimate        23.614 
_reflns.pdbx_redundancy              3.31 
_reflns.R_free_details               ? 
_reflns.pdbx_chi_squared             ? 
_reflns.pdbx_scaling_rejects         ? 
_reflns.pdbx_diffrn_id               1 
_reflns.pdbx_ordinal                 1 
# 
_reflns_shell.d_res_high             2.20 
_reflns_shell.d_res_low              2.28 
_reflns_shell.percent_possible_all   99.1 
_reflns_shell.Rmerge_I_obs           0.275 
_reflns_shell.pdbx_Rsym_value        ? 
_reflns_shell.meanI_over_sigI_obs    2.6 
_reflns_shell.pdbx_redundancy        3.28 
_reflns_shell.percent_possible_obs   ? 
_reflns_shell.number_unique_all      324 
_reflns_shell.number_measured_all    ? 
_reflns_shell.number_measured_obs    ? 
_reflns_shell.number_unique_obs      ? 
_reflns_shell.pdbx_chi_squared       ? 
_reflns_shell.pdbx_diffrn_id         ? 
_reflns_shell.pdbx_ordinal           1 
# 
_refine.entry_id                                 3EQW 
_refine.ls_number_reflns_obs                     3454 
_refine.ls_number_reflns_all                     ? 
_refine.pdbx_ls_sigma_I                          ? 
_refine.pdbx_ls_sigma_F                          ? 
_refine.pdbx_data_cutoff_high_absF               ? 
_refine.pdbx_data_cutoff_low_absF                ? 
_refine.pdbx_data_cutoff_high_rms_absF           ? 
_refine.ls_d_res_low                             22.59 
_refine.ls_d_res_high                            2.20 
_refine.ls_percent_reflns_obs                    99.6 
_refine.ls_R_factor_obs                          0.22579 
_refine.ls_R_factor_all                          ? 
_refine.ls_R_factor_R_work                       0.22234 
_refine.ls_R_factor_R_free                       0.31414 
_refine.ls_R_factor_R_free_error                 ? 
_refine.ls_R_factor_R_free_error_details         ? 
_refine.ls_percent_reflns_R_free                 4.2 
_refine.ls_number_reflns_R_free                  145 
_refine.ls_number_parameters                     ? 
_refine.ls_number_restraints                     ? 
_refine.occupancy_min                            ? 
_refine.occupancy_max                            ? 
_refine.correlation_coeff_Fo_to_Fc               0.929 
_refine.correlation_coeff_Fo_to_Fc_free          0.867 
_refine.B_iso_mean                               12.890 
_refine.aniso_B[1][1]                            -1.71 
_refine.aniso_B[2][2]                            -0.96 
_refine.aniso_B[3][3]                            2.67 
_refine.aniso_B[1][2]                            ? 
_refine.aniso_B[1][3]                            ? 
_refine.aniso_B[2][3]                            ? 
_refine.solvent_model_details                    'BABINET MODEL WITH MASK' 
_refine.solvent_model_param_ksol                 ? 
_refine.solvent_model_param_bsol                 ? 
_refine.pdbx_solvent_vdw_probe_radii             1.20 
_refine.pdbx_solvent_ion_probe_radii             0.80 
_refine.pdbx_solvent_shrinkage_radii             0.80 
_refine.pdbx_ls_cross_valid_method               THROUGHOUT 
_refine.details                                  ? 
_refine.pdbx_starting_model                      'PDB entry 1L1H' 
_refine.pdbx_method_to_determine_struct          'MOLECULAR REPLACEMENT' 
_refine.pdbx_isotropic_thermal_model             isotropic 
_refine.pdbx_stereochemistry_target_values       'MAXIMUM LIKELIHOOD' 
_refine.pdbx_stereochem_target_val_spec_case     ? 
_refine.pdbx_R_Free_selection_details            RANDOM 
_refine.pdbx_overall_ESU_R                       0.424 
_refine.pdbx_overall_ESU_R_Free                  0.303 
_refine.overall_SU_ML                            0.173 
_refine.overall_SU_B                             ? 
_refine.ls_redundancy_reflns_obs                 ? 
_refine.overall_SU_R_Cruickshank_DPI             ? 
_refine.overall_SU_R_free                        ? 
_refine.ls_wR_factor_R_free                      ? 
_refine.ls_wR_factor_R_work                      ? 
_refine.overall_FOM_free_R_set                   ? 
_refine.overall_FOM_work_R_set                   ? 
_refine.pdbx_overall_phase_error                 ? 
_refine.pdbx_refine_id                           'X-RAY DIFFRACTION' 
_refine.pdbx_diffrn_id                           1 
_refine.pdbx_TLS_residual_ADP_flag               ? 
_refine.pdbx_overall_SU_R_free_Cruickshank_DPI   ? 
_refine.pdbx_overall_SU_R_Blow_DPI               ? 
_refine.pdbx_overall_SU_R_free_Blow_DPI          ? 
# 
_refine_hist.pdbx_refine_id                   'X-RAY DIFFRACTION' 
_refine_hist.cycle_id                         LAST 
_refine_hist.pdbx_number_atoms_protein        0 
_refine_hist.pdbx_number_atoms_nucleic_acid   506 
_refine_hist.pdbx_number_atoms_ligand         44 
_refine_hist.number_atoms_solvent             66 
_refine_hist.number_atoms_total               616 
_refine_hist.d_res_high                       2.20 
_refine_hist.d_res_low                        22.59 
# 
loop_
_refine_ls_restr.type 
_refine_ls_restr.dev_ideal 
_refine_ls_restr.dev_ideal_target 
_refine_ls_restr.weight 
_refine_ls_restr.number 
_refine_ls_restr.pdbx_refine_id 
_refine_ls_restr.pdbx_restraint_function 
r_bond_refined_d         0.009 0.021 ? 612 'X-RAY DIFFRACTION' ? 
r_angle_refined_deg      2.101 3.000 ? 940 'X-RAY DIFFRACTION' ? 
r_gen_planes_refined     0.008 0.020 ? 306 'X-RAY DIFFRACTION' ? 
r_nbd_refined            0.321 0.200 ? 239 'X-RAY DIFFRACTION' ? 
r_nbtor_refined          0.303 0.200 ? 344 'X-RAY DIFFRACTION' ? 
r_xyhbond_nbd_refined    0.135 0.200 ? 51  'X-RAY DIFFRACTION' ? 
r_metal_ion_refined      0.119 0.200 ? 10  'X-RAY DIFFRACTION' ? 
r_symmetry_vdw_refined   0.142 0.200 ? 18  'X-RAY DIFFRACTION' ? 
r_symmetry_hbond_refined 0.141 0.200 ? 6   'X-RAY DIFFRACTION' ? 
# 
_refine_ls_shell.pdbx_total_number_of_bins_used   20 
_refine_ls_shell.d_res_high                       2.200 
_refine_ls_shell.d_res_low                        2.257 
_refine_ls_shell.number_reflns_R_work             233 
_refine_ls_shell.R_factor_R_work                  0.316 
_refine_ls_shell.percent_reflns_obs               98.77 
_refine_ls_shell.R_factor_R_free                  0.387 
_refine_ls_shell.R_factor_R_free_error            ? 
_refine_ls_shell.percent_reflns_R_free            ? 
_refine_ls_shell.number_reflns_R_free             7 
_refine_ls_shell.number_reflns_all                ? 
_refine_ls_shell.R_factor_all                     ? 
_refine_ls_shell.number_reflns_obs                ? 
_refine_ls_shell.redundancy_reflns_obs            ? 
_refine_ls_shell.pdbx_refine_id                   'X-RAY DIFFRACTION' 
# 
_struct.entry_id                  3EQW 
_struct.title                     
;A bimolecular anti-parallel-stranded Oxytricha nova telomeric quadruplex in complex with a 3,6-disubstituted acridine BSU-6042 in small unit cell
;
_struct.pdbx_model_details        ? 
_struct.pdbx_CASP_flag            ? 
_struct.pdbx_model_type_details   ? 
# 
_struct_keywords.entry_id        3EQW 
_struct_keywords.pdbx_keywords   DNA 
_struct_keywords.text            
'quadruplex, Oxytricha nova, BSU-6042, BSU6042, anti-parallel, bimolecular, macromlecule, DNA, G-quadruplex, telomere' 
# 
loop_
_struct_asym.id 
_struct_asym.pdbx_blank_PDB_chainid_flag 
_struct_asym.pdbx_modified 
_struct_asym.entity_id 
_struct_asym.details 
A N N 1 ? 
B N N 1 ? 
C N N 2 ? 
D N N 2 ? 
E N N 2 ? 
F N N 3 ? 
G N N 2 ? 
H N N 4 ? 
I N N 4 ? 
# 
_struct_biol.id        1 
_struct_biol.details   ? 
# 
loop_
_struct_conn.id 
_struct_conn.conn_type_id 
_struct_conn.pdbx_leaving_atom_flag 
_struct_conn.pdbx_PDB_id 
_struct_conn.ptnr1_label_asym_id 
_struct_conn.ptnr1_label_comp_id 
_struct_conn.ptnr1_label_seq_id 
_struct_conn.ptnr1_label_atom_id 
_struct_conn.pdbx_ptnr1_label_alt_id 
_struct_conn.pdbx_ptnr1_PDB_ins_code 
_struct_conn.pdbx_ptnr1_standard_comp_id 
_struct_conn.ptnr1_symmetry 
_struct_conn.ptnr2_label_asym_id 
_struct_conn.ptnr2_label_comp_id 
_struct_conn.ptnr2_label_seq_id 
_struct_conn.ptnr2_label_atom_id 
_struct_conn.pdbx_ptnr2_label_alt_id 
_struct_conn.pdbx_ptnr2_PDB_ins_code 
_struct_conn.ptnr1_auth_asym_id 
_struct_conn.ptnr1_auth_comp_id 
_struct_conn.ptnr1_auth_seq_id 
_struct_conn.ptnr2_auth_asym_id 
_struct_conn.ptnr2_auth_comp_id 
_struct_conn.ptnr2_auth_seq_id 
_struct_conn.ptnr2_symmetry 
_struct_conn.pdbx_ptnr3_label_atom_id 
_struct_conn.pdbx_ptnr3_label_seq_id 
_struct_conn.pdbx_ptnr3_label_comp_id 
_struct_conn.pdbx_ptnr3_label_asym_id 
_struct_conn.pdbx_ptnr3_label_alt_id 
_struct_conn.pdbx_ptnr3_PDB_ins_code 
_struct_conn.details 
_struct_conn.pdbx_dist_value 
_struct_conn.pdbx_value_order 
_struct_conn.pdbx_role 
metalc1  metalc ? ? A DG 1  O6 ? ? ? 1_555 C K   .  K  ? ? A DG 1  A K   26 1_555 ? ? ? ? ? ? ?               2.833 ? ? 
metalc2  metalc ? ? A DG 2  O6 ? ? ? 1_555 D K   .  K  ? ? A DG 2  A K   27 1_555 ? ? ? ? ? ? ?               2.773 ? ? 
metalc3  metalc ? ? A DG 3  O6 ? ? ? 1_555 D K   .  K  ? ? A DG 3  A K   27 1_555 ? ? ? ? ? ? ?               2.997 ? ? 
metalc4  metalc ? ? A DG 4  O6 ? ? ? 1_555 E K   .  K  ? ? A DG 4  A K   28 1_555 ? ? ? ? ? ? ?               2.615 ? ? 
metalc5  metalc ? ? A DG 9  O6 ? ? ? 1_555 E K   .  K  ? ? A DG 9  A K   28 1_555 ? ? ? ? ? ? ?               2.676 ? ? 
metalc6  metalc ? ? A DG 10 O6 ? ? ? 1_555 D K   .  K  ? ? A DG 10 A K   27 1_555 ? ? ? ? ? ? ?               2.942 ? ? 
metalc7  metalc ? ? A DG 11 O6 ? ? ? 1_555 D K   .  K  ? ? A DG 11 A K   27 1_555 ? ? ? ? ? ? ?               2.897 ? ? 
metalc8  metalc ? ? A DG 12 O6 ? ? ? 1_555 C K   .  K  ? ? A DG 12 A K   26 1_555 ? ? ? ? ? ? ?               2.789 ? ? 
metalc9  metalc ? ? C K  .  K  ? ? ? 1_555 B DG  3  O6 ? ? A K  26 B DG  15 1_555 ? ? ? ? ? ? ?               2.928 ? ? 
metalc10 metalc ? ? C K  .  K  ? ? ? 1_555 B DG  4  O6 ? ? A K  26 B DG  16 1_555 ? ? ? ? ? ? ?               2.672 ? ? 
metalc11 metalc ? ? C K  .  K  ? ? ? 1_555 B DG  9  O6 ? ? A K  26 B DG  21 1_555 ? ? ? ? ? ? ?               2.825 ? ? 
metalc12 metalc ? ? C K  .  K  ? ? ? 1_555 B DG  10 O6 ? ? A K  26 B DG  22 1_555 ? ? ? ? ? ? ?               2.815 ? ? 
metalc13 metalc ? ? D K  .  K  ? ? ? 1_555 B DG  2  O6 ? ? A K  27 B DG  14 1_555 ? ? ? ? ? ? ?               2.895 ? ? 
metalc14 metalc ? ? D K  .  K  ? ? ? 1_555 B DG  3  O6 ? ? A K  27 B DG  15 1_555 ? ? ? ? ? ? ?               2.644 ? ? 
metalc15 metalc ? ? D K  .  K  ? ? ? 1_555 B DG  10 O6 ? ? A K  27 B DG  22 1_555 ? ? ? ? ? ? ?               2.780 ? ? 
metalc16 metalc ? ? D K  .  K  ? ? ? 1_555 B DG  11 O6 ? ? A K  27 B DG  23 1_555 ? ? ? ? ? ? ?               2.843 ? ? 
metalc17 metalc ? ? E K  .  K  ? ? ? 1_555 B DG  1  O6 ? ? A K  28 B DG  13 1_555 ? ? ? ? ? ? ?               2.769 ? ? 
metalc18 metalc ? ? E K  .  K  ? ? ? 1_555 B DG  12 O6 ? ? A K  28 B DG  24 1_555 ? ? ? ? ? ? ?               2.710 ? ? 
metalc19 metalc ? ? B DG 4  O6 ? ? ? 1_555 G K   .  K  ? ? B DG 16 B K   25 1_555 ? ? ? ? ? ? ?               2.975 ? ? 
metalc20 metalc ? ? B DT 5  O2 ? ? ? 1_555 G K   .  K  ? ? B DT 17 B K   25 1_555 ? ? ? ? ? ? ?               2.838 ? ? 
metalc21 metalc ? ? B DT 7  O2 ? ? ? 1_555 G K   .  K  ? ? B DT 19 B K   25 1_555 ? ? ? ? ? ? ?               2.553 ? ? 
metalc22 metalc ? ? B DG 9  O6 ? ? ? 1_555 G K   .  K  ? ? B DG 21 B K   25 1_555 ? ? ? ? ? ? ?               2.883 ? ? 
metalc23 metalc ? ? G K  .  K  ? ? ? 1_555 I HOH .  O  ? ? B K  25 B HOH 51 1_555 ? ? ? ? ? ? ?               2.810 ? ? 
hydrog1  hydrog ? ? A DG 1  N7 ? ? ? 1_555 B DG  4  N2 ? ? A DG 1  B DG  16 1_555 ? ? ? ? ? ? TYPE_6_PAIR     ?     ? ? 
hydrog2  hydrog ? ? A DG 1  O6 ? ? ? 1_555 B DG  4  N1 ? ? A DG 1  B DG  16 1_555 ? ? ? ? ? ? TYPE_6_PAIR     ?     ? ? 
hydrog3  hydrog ? ? A DG 1  N1 ? ? ? 1_555 B DG  9  O6 ? ? A DG 1  B DG  21 1_555 ? ? ? ? ? ? TYPE_6_PAIR     ?     ? ? 
hydrog4  hydrog ? ? A DG 1  N2 ? ? ? 1_555 B DG  9  N7 ? ? A DG 1  B DG  21 1_555 ? ? ? ? ? ? TYPE_6_PAIR     ?     ? ? 
hydrog5  hydrog ? ? A DG 2  N1 ? ? ? 1_555 B DG  3  O6 ? ? A DG 2  B DG  15 1_555 ? ? ? ? ? ? TYPE_6_PAIR     ?     ? ? 
hydrog6  hydrog ? ? A DG 2  N2 ? ? ? 1_555 B DG  3  N7 ? ? A DG 2  B DG  15 1_555 ? ? ? ? ? ? TYPE_6_PAIR     ?     ? ? 
hydrog7  hydrog ? ? A DG 2  N7 ? ? ? 1_555 B DG  10 N2 ? ? A DG 2  B DG  22 1_555 ? ? ? ? ? ? TYPE_6_PAIR     ?     ? ? 
hydrog8  hydrog ? ? A DG 2  O6 ? ? ? 1_555 B DG  10 N1 ? ? A DG 2  B DG  22 1_555 ? ? ? ? ? ? TYPE_6_PAIR     ?     ? ? 
hydrog9  hydrog ? ? A DG 3  N7 ? ? ? 1_555 B DG  2  N2 ? ? A DG 3  B DG  14 1_555 ? ? ? ? ? ? TYPE_6_PAIR     ?     ? ? 
hydrog10 hydrog ? ? A DG 3  O6 ? ? ? 1_555 B DG  2  N1 ? ? A DG 3  B DG  14 1_555 ? ? ? ? ? ? TYPE_6_PAIR     ?     ? ? 
hydrog11 hydrog ? ? A DG 3  N1 ? ? ? 1_555 B DG  11 O6 ? ? A DG 3  B DG  23 1_555 ? ? ? ? ? ? TYPE_6_PAIR     ?     ? ? 
hydrog12 hydrog ? ? A DG 3  N2 ? ? ? 1_555 B DG  11 N7 ? ? A DG 3  B DG  23 1_555 ? ? ? ? ? ? TYPE_6_PAIR     ?     ? ? 
hydrog13 hydrog ? ? A DG 4  N1 ? ? ? 1_555 B DG  1  O6 ? ? A DG 4  B DG  13 1_555 ? ? ? ? ? ? TYPE_6_PAIR     ?     ? ? 
hydrog14 hydrog ? ? A DG 4  N2 ? ? ? 1_555 B DG  1  N7 ? ? A DG 4  B DG  13 1_555 ? ? ? ? ? ? TYPE_6_PAIR     ?     ? ? 
hydrog15 hydrog ? ? A DG 4  N7 ? ? ? 1_555 B DG  12 N2 ? ? A DG 4  B DG  24 1_555 ? ? ? ? ? ? TYPE_6_PAIR     ?     ? ? 
hydrog16 hydrog ? ? A DG 4  O6 ? ? ? 1_555 B DG  12 N1 ? ? A DG 4  B DG  24 1_555 ? ? ? ? ? ? TYPE_6_PAIR     ?     ? ? 
hydrog17 hydrog ? ? A DG 9  N7 ? ? ? 1_555 B DG  1  N2 ? ? A DG 9  B DG  13 1_555 ? ? ? ? ? ? TYPE_6_PAIR     ?     ? ? 
hydrog18 hydrog ? ? A DG 9  O6 ? ? ? 1_555 B DG  1  N1 ? ? A DG 9  B DG  13 1_555 ? ? ? ? ? ? TYPE_6_PAIR     ?     ? ? 
hydrog19 hydrog ? ? A DG 9  N1 ? ? ? 1_555 B DG  12 O6 ? ? A DG 9  B DG  24 1_555 ? ? ? ? ? ? TYPE_6_PAIR     ?     ? ? 
hydrog20 hydrog ? ? A DG 9  N2 ? ? ? 1_555 B DG  12 N7 ? ? A DG 9  B DG  24 1_555 ? ? ? ? ? ? TYPE_6_PAIR     ?     ? ? 
hydrog21 hydrog ? ? A DG 10 N1 ? ? ? 1_555 B DG  2  O6 ? ? A DG 10 B DG  14 1_555 ? ? ? ? ? ? TYPE_6_PAIR     ?     ? ? 
hydrog22 hydrog ? ? A DG 10 N2 ? ? ? 1_555 B DG  2  N7 ? ? A DG 10 B DG  14 1_555 ? ? ? ? ? ? TYPE_6_PAIR     ?     ? ? 
hydrog23 hydrog ? ? A DG 10 N7 ? ? ? 1_555 B DG  11 N2 ? ? A DG 10 B DG  23 1_555 ? ? ? ? ? ? TYPE_6_PAIR     ?     ? ? 
hydrog24 hydrog ? ? A DG 10 O6 ? ? ? 1_555 B DG  11 N1 ? ? A DG 10 B DG  23 1_555 ? ? ? ? ? ? TYPE_6_PAIR     ?     ? ? 
hydrog25 hydrog ? ? A DG 11 N7 ? ? ? 1_555 B DG  3  N2 ? ? A DG 11 B DG  15 1_555 ? ? ? ? ? ? TYPE_6_PAIR     ?     ? ? 
hydrog26 hydrog ? ? A DG 11 O6 ? ? ? 1_555 B DG  3  N1 ? ? A DG 11 B DG  15 1_555 ? ? ? ? ? ? TYPE_6_PAIR     ?     ? ? 
hydrog27 hydrog ? ? A DG 11 N1 ? ? ? 1_555 B DG  10 O6 ? ? A DG 11 B DG  22 1_555 ? ? ? ? ? ? TYPE_6_PAIR     ?     ? ? 
hydrog28 hydrog ? ? A DG 11 N2 ? ? ? 1_555 B DG  10 N7 ? ? A DG 11 B DG  22 1_555 ? ? ? ? ? ? TYPE_6_PAIR     ?     ? ? 
hydrog29 hydrog ? ? A DG 12 N1 ? ? ? 1_555 B DG  4  O6 ? ? A DG 12 B DG  16 1_555 ? ? ? ? ? ? TYPE_6_PAIR     ?     ? ? 
hydrog30 hydrog ? ? A DG 12 N2 ? ? ? 1_555 B DG  4  N7 ? ? A DG 12 B DG  16 1_555 ? ? ? ? ? ? TYPE_6_PAIR     ?     ? ? 
hydrog31 hydrog ? ? A DG 12 N7 ? ? ? 1_555 B DG  9  N2 ? ? A DG 12 B DG  21 1_555 ? ? ? ? ? ? TYPE_6_PAIR     ?     ? ? 
hydrog32 hydrog ? ? A DG 12 O6 ? ? ? 1_555 B DG  9  N1 ? ? A DG 12 B DG  21 1_555 ? ? ? ? ? ? TYPE_6_PAIR     ?     ? ? 
hydrog33 hydrog ? ? B DT 5  O2 ? ? ? 1_555 B DT  7  N3 ? ? B DT 17 B DT  19 1_555 ? ? ? ? ? ? 'DT-DT MISPAIR' ?     ? ? 
# 
loop_
_struct_conn_type.id 
_struct_conn_type.criteria 
_struct_conn_type.reference 
metalc ? ? 
hydrog ? ? 
# 
loop_
_struct_site.id 
_struct_site.pdbx_evidence_code 
_struct_site.pdbx_auth_asym_id 
_struct_site.pdbx_auth_comp_id 
_struct_site.pdbx_auth_seq_id 
_struct_site.pdbx_auth_ins_code 
_struct_site.pdbx_num_residues 
_struct_site.details 
AC1 Software A K   26 ? 10 'BINDING SITE FOR RESIDUE K A 26'   
AC2 Software A K   27 ? 9  'BINDING SITE FOR RESIDUE K A 27'   
AC3 Software A K   28 ? 8  'BINDING SITE FOR RESIDUE K A 28'   
AC4 Software A NCI 29 ? 9  'BINDING SITE FOR RESIDUE NCI A 29' 
AC5 Software B K   25 ? 9  'BINDING SITE FOR RESIDUE K B 25'   
# 
loop_
_struct_site_gen.id 
_struct_site_gen.site_id 
_struct_site_gen.pdbx_num_res 
_struct_site_gen.label_comp_id 
_struct_site_gen.label_asym_id 
_struct_site_gen.label_seq_id 
_struct_site_gen.pdbx_auth_ins_code 
_struct_site_gen.auth_comp_id 
_struct_site_gen.auth_asym_id 
_struct_site_gen.auth_seq_id 
_struct_site_gen.label_atom_id 
_struct_site_gen.label_alt_id 
_struct_site_gen.symmetry 
_struct_site_gen.details 
1  AC1 10 DG  A 1  ? DG  A 1  . ? 1_555 ? 
2  AC1 10 DG  A 2  ? DG  A 2  . ? 1_555 ? 
3  AC1 10 DG  A 11 ? DG  A 11 . ? 1_555 ? 
4  AC1 10 DG  A 12 ? DG  A 12 . ? 1_555 ? 
5  AC1 10 K   D .  ? K   A 27 . ? 1_555 ? 
6  AC1 10 DG  B 3  ? DG  B 15 . ? 1_555 ? 
7  AC1 10 DG  B 4  ? DG  B 16 . ? 1_555 ? 
8  AC1 10 DG  B 9  ? DG  B 21 . ? 1_555 ? 
9  AC1 10 DG  B 10 ? DG  B 22 . ? 1_555 ? 
10 AC1 10 K   G .  ? K   B 25 . ? 1_555 ? 
11 AC2 9  DG  A 2  ? DG  A 2  . ? 1_555 ? 
12 AC2 9  DG  A 3  ? DG  A 3  . ? 1_555 ? 
13 AC2 9  DG  A 10 ? DG  A 10 . ? 1_555 ? 
14 AC2 9  DG  A 11 ? DG  A 11 . ? 1_555 ? 
15 AC2 9  K   C .  ? K   A 26 . ? 1_555 ? 
16 AC2 9  DG  B 2  ? DG  B 14 . ? 1_555 ? 
17 AC2 9  DG  B 3  ? DG  B 15 . ? 1_555 ? 
18 AC2 9  DG  B 10 ? DG  B 22 . ? 1_555 ? 
19 AC2 9  DG  B 11 ? DG  B 23 . ? 1_555 ? 
20 AC3 8  DG  A 3  ? DG  A 3  . ? 1_555 ? 
21 AC3 8  DG  A 4  ? DG  A 4  . ? 1_555 ? 
22 AC3 8  DG  A 9  ? DG  A 9  . ? 1_555 ? 
23 AC3 8  DG  A 10 ? DG  A 10 . ? 1_555 ? 
24 AC3 8  DG  B 1  ? DG  B 13 . ? 1_555 ? 
25 AC3 8  DG  B 2  ? DG  B 14 . ? 1_555 ? 
26 AC3 8  DG  B 11 ? DG  B 23 . ? 1_555 ? 
27 AC3 8  DG  B 12 ? DG  B 24 . ? 1_555 ? 
28 AC4 9  DT  A 6  ? DT  A 6  . ? 1_555 ? 
29 AC4 9  DT  A 7  ? DT  A 7  . ? 1_555 ? 
30 AC4 9  DG  A 9  ? DG  A 9  . ? 1_555 ? 
31 AC4 9  HOH H .  ? HOH A 35 . ? 1_555 ? 
32 AC4 9  HOH H .  ? HOH A 44 . ? 1_555 ? 
33 AC4 9  DG  B 1  ? DG  B 13 . ? 1_555 ? 
34 AC4 9  DT  B 8  ? DT  B 20 . ? 3_554 ? 
35 AC4 9  DG  B 9  ? DG  B 21 . ? 3_554 ? 
36 AC4 9  DG  B 12 ? DG  B 24 . ? 1_555 ? 
37 AC5 9  DG  A 1  ? DG  A 1  . ? 1_555 ? 
38 AC5 9  DG  A 12 ? DG  A 12 . ? 1_555 ? 
39 AC5 9  K   C .  ? K   A 26 . ? 1_555 ? 
40 AC5 9  DG  B 4  ? DG  B 16 . ? 1_555 ? 
41 AC5 9  DT  B 5  ? DT  B 17 . ? 1_555 ? 
42 AC5 9  DT  B 7  ? DT  B 19 . ? 1_555 ? 
43 AC5 9  DG  B 9  ? DG  B 21 . ? 1_555 ? 
44 AC5 9  HOH I .  ? HOH B 45 . ? 1_555 ? 
45 AC5 9  HOH I .  ? HOH B 51 . ? 1_555 ? 
# 
_atom_sites.entry_id                    3EQW 
_atom_sites.fract_transf_matrix[1][1]   0.01623284 
_atom_sites.fract_transf_matrix[1][2]   0.00118848 
_atom_sites.fract_transf_matrix[1][3]   0.00789497 
_atom_sites.fract_transf_matrix[2][1]   0.00488933 
_atom_sites.fract_transf_matrix[2][2]   -0.02186498 
_atom_sites.fract_transf_matrix[2][3]   -0.00676148 
_atom_sites.fract_transf_matrix[3][1]   0.01460588 
_atom_sites.fract_transf_matrix[3][2]   0.01316574 
_atom_sites.fract_transf_matrix[3][3]   -0.03201307 
_atom_sites.fract_transf_vector[1]      0.126365 
_atom_sites.fract_transf_vector[2]      -0.236081 
_atom_sites.fract_transf_vector[3]      -0.442123 
# 
loop_
_atom_type.symbol 
C 
K 
N 
O 
P 
# 
loop_
_atom_site.group_PDB 
_atom_site.id 
_atom_site.type_symbol 
_atom_site.label_atom_id 
_atom_site.label_alt_id 
_atom_site.label_comp_id 
_atom_site.label_asym_id 
_atom_site.label_entity_id 
_atom_site.label_seq_id 
_atom_site.pdbx_PDB_ins_code 
_atom_site.Cartn_x 
_atom_site.Cartn_y 
_atom_site.Cartn_z 
_atom_site.occupancy 
_atom_site.B_iso_or_equiv 
_atom_site.pdbx_formal_charge 
_atom_site.auth_seq_id 
_atom_site.auth_comp_id 
_atom_site.auth_asym_id 
_atom_site.auth_atom_id 
_atom_site.pdbx_PDB_model_num 
ATOM   1   O "O5'" . DG  A 1 1  ? 1.902   5.250   10.263  1.00 16.81 ? 1  DG  A "O5'" 1 
ATOM   2   C "C5'" . DG  A 1 1  ? 0.687   4.565   10.325  1.00 13.12 ? 1  DG  A "C5'" 1 
ATOM   3   C "C4'" . DG  A 1 1  ? 0.813   3.164   10.906  1.00 12.43 ? 1  DG  A "C4'" 1 
ATOM   4   O "O4'" . DG  A 1 1  ? -0.296  2.394   10.371  1.00 12.33 ? 1  DG  A "O4'" 1 
ATOM   5   C "C3'" . DG  A 1 1  ? 2.029   2.324   10.537  1.00 12.28 ? 1  DG  A "C3'" 1 
ATOM   6   O "O3'" . DG  A 1 1  ? 2.118   1.231   11.456  1.00 13.07 ? 1  DG  A "O3'" 1 
ATOM   7   C "C2'" . DG  A 1 1  ? 1.634   1.808   9.158   1.00 10.36 ? 1  DG  A "C2'" 1 
ATOM   8   C "C1'" . DG  A 1 1  ? 0.173   1.430   9.442   1.00 9.38  ? 1  DG  A "C1'" 1 
ATOM   9   N N9    . DG  A 1 1  ? -0.704  1.426   8.274   1.00 7.30  ? 1  DG  A N9    1 
ATOM   10  C C8    . DG  A 1 1  ? -1.686  0.505   8.020   1.00 5.84  ? 1  DG  A C8    1 
ATOM   11  N N7    . DG  A 1 1  ? -2.318  0.715   6.900   1.00 6.01  ? 1  DG  A N7    1 
ATOM   12  C C5    . DG  A 1 1  ? -1.696  1.847   6.375   1.00 6.12  ? 1  DG  A C5    1 
ATOM   13  C C6    . DG  A 1 1  ? -1.934  2.562   5.176   1.00 5.67  ? 1  DG  A C6    1 
ATOM   14  O O6    . DG  A 1 1  ? -2.777  2.311   4.332   1.00 8.68  ? 1  DG  A O6    1 
ATOM   15  N N1    . DG  A 1 1  ? -1.088  3.650   4.953   1.00 4.73  ? 1  DG  A N1    1 
ATOM   16  C C2    . DG  A 1 1  ? -0.124  4.029   5.849   1.00 3.45  ? 1  DG  A C2    1 
ATOM   17  N N2    . DG  A 1 1  ? 0.596   5.100   5.544   1.00 3.81  ? 1  DG  A N2    1 
ATOM   18  N N3    . DG  A 1 1  ? 0.118   3.375   6.973   1.00 6.75  ? 1  DG  A N3    1 
ATOM   19  C C4    . DG  A 1 1  ? -0.700  2.298   7.194   1.00 6.36  ? 1  DG  A C4    1 
ATOM   20  P P     . DG  A 1 2  ? 3.293   0.131   11.441  1.00 13.98 ? 2  DG  A P     1 
ATOM   21  O OP1   . DG  A 1 2  ? 3.497   -0.276  12.848  1.00 15.68 ? 2  DG  A OP1   1 
ATOM   22  O OP2   . DG  A 1 2  ? 4.465   0.648   10.698  1.00 13.97 ? 2  DG  A OP2   1 
ATOM   23  O "O5'" . DG  A 1 2  ? 2.699   -1.097  10.640  1.00 12.56 ? 2  DG  A "O5'" 1 
ATOM   24  C "C5'" . DG  A 1 2  ? 1.480   -1.703  11.041  1.00 12.16 ? 2  DG  A "C5'" 1 
ATOM   25  C "C4'" . DG  A 1 2  ? 1.009   -2.644  9.950   1.00 11.98 ? 2  DG  A "C4'" 1 
ATOM   26  O "O4'" . DG  A 1 2  ? 0.485   -1.861  8.849   1.00 11.43 ? 2  DG  A "O4'" 1 
ATOM   27  C "C3'" . DG  A 1 2  ? 2.066   -3.584  9.337   1.00 12.21 ? 2  DG  A "C3'" 1 
ATOM   28  O "O3'" . DG  A 1 2  ? 1.464   -4.812  9.076   1.00 13.76 ? 2  DG  A "O3'" 1 
ATOM   29  C "C2'" . DG  A 1 2  ? 2.382   -2.934  8.000   1.00 12.03 ? 2  DG  A "C2'" 1 
ATOM   30  C "C1'" . DG  A 1 2  ? 0.978   -2.459  7.666   1.00 10.81 ? 2  DG  A "C1'" 1 
ATOM   31  N N9    . DG  A 1 2  ? 0.882   -1.501  6.579   1.00 10.20 ? 2  DG  A N9    1 
ATOM   32  C C8    . DG  A 1 2  ? 1.675   -0.398  6.332   1.00 9.41  ? 2  DG  A C8    1 
ATOM   33  N N7    . DG  A 1 2  ? 1.323   0.267   5.267   1.00 8.64  ? 2  DG  A N7    1 
ATOM   34  C C5    . DG  A 1 2  ? 0.238   -0.455  4.789   1.00 9.07  ? 2  DG  A C5    1 
ATOM   35  C C6    . DG  A 1 2  ? -0.582  -0.234  3.674   1.00 7.59  ? 2  DG  A C6    1 
ATOM   36  O O6    . DG  A 1 2  ? -0.467  0.671   2.884   1.00 10.26 ? 2  DG  A O6    1 
ATOM   37  N N1    . DG  A 1 2  ? -1.600  -1.171  3.496   1.00 8.58  ? 2  DG  A N1    1 
ATOM   38  C C2    . DG  A 1 2  ? -1.801  -2.248  4.336   1.00 7.79  ? 2  DG  A C2    1 
ATOM   39  N N2    . DG  A 1 2  ? -2.815  -3.087  4.048   1.00 7.01  ? 2  DG  A N2    1 
ATOM   40  N N3    . DG  A 1 2  ? -1.056  -2.452  5.412   1.00 7.78  ? 2  DG  A N3    1 
ATOM   41  C C4    . DG  A 1 2  ? -0.062  -1.539  5.579   1.00 9.18  ? 2  DG  A C4    1 
ATOM   42  P P     . DG  A 1 3  ? 2.233   -6.197  8.890   1.00 13.51 ? 3  DG  A P     1 
ATOM   43  O OP1   . DG  A 1 3  ? 2.320   -6.818  10.223  1.00 16.09 ? 3  DG  A OP1   1 
ATOM   44  O OP2   . DG  A 1 3  ? 3.451   -6.032  8.079   1.00 13.36 ? 3  DG  A OP2   1 
ATOM   45  O "O5'" . DG  A 1 3  ? 1.155   -7.010  8.034   1.00 14.18 ? 3  DG  A "O5'" 1 
ATOM   46  C "C5'" . DG  A 1 3  ? 0.515   -6.449  6.891   1.00 12.90 ? 3  DG  A "C5'" 1 
ATOM   47  C "C4'" . DG  A 1 3  ? -0.297  -7.565  6.254   1.00 12.93 ? 3  DG  A "C4'" 1 
ATOM   48  O "O4'" . DG  A 1 3  ? -1.146  -7.089  5.181   1.00 12.09 ? 3  DG  A "O4'" 1 
ATOM   49  C "C3'" . DG  A 1 3  ? 0.540   -8.672  5.627   1.00 13.40 ? 3  DG  A "C3'" 1 
ATOM   50  O "O3'" . DG  A 1 3  ? -0.207  -9.883  5.702   1.00 14.18 ? 3  DG  A "O3'" 1 
ATOM   51  C "C2'" . DG  A 1 3  ? 0.724   -8.143  4.212   1.00 10.87 ? 3  DG  A "C2'" 1 
ATOM   52  C "C1'" . DG  A 1 3  ? -0.670  -7.606  3.943   1.00 10.09 ? 3  DG  A "C1'" 1 
ATOM   53  N N9    . DG  A 1 3  ? -0.760  -6.545  2.937   1.00 9.62  ? 3  DG  A N9    1 
ATOM   54  C C8    . DG  A 1 3  ? -1.642  -6.537  1.886   1.00 8.17  ? 3  DG  A C8    1 
ATOM   55  N N7    . DG  A 1 3  ? -1.552  -5.480  1.159   1.00 8.16  ? 3  DG  A N7    1 
ATOM   56  C C5    . DG  A 1 3  ? -0.535  -4.738  1.743   1.00 8.02  ? 3  DG  A C5    1 
ATOM   57  C C6    . DG  A 1 3  ? 0.010   -3.490  1.384   1.00 7.68  ? 3  DG  A C6    1 
ATOM   58  O O6    . DG  A 1 3  ? -0.304  -2.798  0.414   1.00 8.37  ? 3  DG  A O6    1 
ATOM   59  N N1    . DG  A 1 3  ? 1.039   -3.053  2.232   1.00 7.37  ? 3  DG  A N1    1 
ATOM   60  C C2    . DG  A 1 3  ? 1.474   -3.762  3.326   1.00 8.56  ? 3  DG  A C2    1 
ATOM   61  N N2    . DG  A 1 3  ? 2.447   -3.215  4.064   1.00 9.40  ? 3  DG  A N2    1 
ATOM   62  N N3    . DG  A 1 3  ? 0.965   -4.930  3.685   1.00 10.29 ? 3  DG  A N3    1 
ATOM   63  C C4    . DG  A 1 3  ? -0.031  -5.372  2.850   1.00 9.46  ? 3  DG  A C4    1 
ATOM   64  P P     . DG  A 1 4  ? 0.319   -11.264 5.091   1.00 15.47 ? 4  DG  A P     1 
ATOM   65  O OP1   . DG  A 1 4  ? -0.452  -12.316 5.784   1.00 15.04 ? 4  DG  A OP1   1 
ATOM   66  O OP2   . DG  A 1 4  ? 1.786   -11.254 4.998   1.00 14.07 ? 4  DG  A OP2   1 
ATOM   67  O "O5'" . DG  A 1 4  ? -0.210  -11.183 3.590   1.00 16.01 ? 4  DG  A "O5'" 1 
ATOM   68  C "C5'" . DG  A 1 4  ? -1.606  -11.319 3.296   1.00 13.15 ? 4  DG  A "C5'" 1 
ATOM   69  C "C4'" . DG  A 1 4  ? -1.721  -11.263 1.797   1.00 13.18 ? 4  DG  A "C4'" 1 
ATOM   70  O "O4'" . DG  A 1 4  ? -1.295  -9.957  1.333   1.00 11.91 ? 4  DG  A "O4'" 1 
ATOM   71  C "C3'" . DG  A 1 4  ? -0.862  -12.285 1.052   1.00 12.53 ? 4  DG  A "C3'" 1 
ATOM   72  O "O3'" . DG  A 1 4  ? -1.727  -12.900 0.069   1.00 13.58 ? 4  DG  A "O3'" 1 
ATOM   73  C "C2'" . DG  A 1 4  ? 0.269   -11.424 0.472   1.00 12.11 ? 4  DG  A "C2'" 1 
ATOM   74  C "C1'" . DG  A 1 4  ? -0.480  -10.126 0.185   1.00 10.86 ? 4  DG  A "C1'" 1 
ATOM   75  N N9    . DG  A 1 4  ? 0.275   -8.879  0.069   1.00 8.88  ? 4  DG  A N9    1 
ATOM   76  C C8    . DG  A 1 4  ? 1.321   -8.476  0.868   1.00 8.35  ? 4  DG  A C8    1 
ATOM   77  N N7    . DG  A 1 4  ? 1.790   -7.296  0.563   1.00 8.04  ? 4  DG  A N7    1 
ATOM   78  C C5    . DG  A 1 4  ? 0.998   -6.889  -0.499  1.00 7.56  ? 4  DG  A C5    1 
ATOM   79  C C6    . DG  A 1 4  ? 1.035   -5.693  -1.245  1.00 8.05  ? 4  DG  A C6    1 
ATOM   80  O O6    . DG  A 1 4  ? 1.820   -4.758  -1.088  1.00 11.15 ? 4  DG  A O6    1 
ATOM   81  N N1    . DG  A 1 4  ? 0.073   -5.622  -2.258  1.00 7.00  ? 4  DG  A N1    1 
ATOM   82  C C2    . DG  A 1 4  ? -0.833  -6.627  -2.520  1.00 6.69  ? 4  DG  A C2    1 
ATOM   83  N N2    . DG  A 1 4  ? -1.690  -6.415  -3.529  1.00 7.06  ? 4  DG  A N2    1 
ATOM   84  N N3    . DG  A 1 4  ? -0.878  -7.766  -1.831  1.00 6.84  ? 4  DG  A N3    1 
ATOM   85  C C4    . DG  A 1 4  ? 0.057   -7.841  -0.828  1.00 7.96  ? 4  DG  A C4    1 
ATOM   86  P P     . DT  A 1 5  ? -1.347  -14.166 -0.841  1.00 11.87 ? 5  DT  A P     1 
ATOM   87  O OP1   . DT  A 1 5  ? -2.481  -15.119 -0.791  1.00 12.44 ? 5  DT  A OP1   1 
ATOM   88  O OP2   . DT  A 1 5  ? 0.013   -14.636 -0.464  1.00 14.27 ? 5  DT  A OP2   1 
ATOM   89  O "O5'" . DT  A 1 5  ? -1.246  -13.480 -2.279  1.00 12.59 ? 5  DT  A "O5'" 1 
ATOM   90  C "C5'" . DT  A 1 5  ? -1.141  -14.199 -3.489  1.00 12.26 ? 5  DT  A "C5'" 1 
ATOM   91  C "C4'" . DT  A 1 5  ? -1.122  -13.203 -4.632  1.00 13.40 ? 5  DT  A "C4'" 1 
ATOM   92  O "O4'" . DT  A 1 5  ? -2.341  -12.419 -4.633  1.00 14.08 ? 5  DT  A "O4'" 1 
ATOM   93  C "C3'" . DT  A 1 5  ? -0.019  -12.153 -4.568  1.00 13.90 ? 5  DT  A "C3'" 1 
ATOM   94  O "O3'" . DT  A 1 5  ? 0.285   -11.753 -5.888  1.00 13.62 ? 5  DT  A "O3'" 1 
ATOM   95  C "C2'" . DT  A 1 5  ? -0.681  -10.987 -3.834  1.00 14.32 ? 5  DT  A "C2'" 1 
ATOM   96  C "C1'" . DT  A 1 5  ? -2.055  -11.039 -4.477  1.00 13.20 ? 5  DT  A "C1'" 1 
ATOM   97  N N1    . DT  A 1 5  ? -3.073  -10.400 -3.606  1.00 13.66 ? 5  DT  A N1    1 
ATOM   98  C C2    . DT  A 1 5  ? -3.604  -9.163  -3.955  1.00 12.54 ? 5  DT  A C2    1 
ATOM   99  O O2    . DT  A 1 5  ? -3.305  -8.530  -4.966  1.00 12.65 ? 5  DT  A O2    1 
ATOM   100 N N3    . DT  A 1 5  ? -4.523  -8.698  -3.046  1.00 12.75 ? 5  DT  A N3    1 
ATOM   101 C C4    . DT  A 1 5  ? -4.941  -9.321  -1.875  1.00 13.87 ? 5  DT  A C4    1 
ATOM   102 O O4    . DT  A 1 5  ? -5.765  -8.794  -1.149  1.00 15.28 ? 5  DT  A O4    1 
ATOM   103 C C5    . DT  A 1 5  ? -4.340  -10.604 -1.571  1.00 13.10 ? 5  DT  A C5    1 
ATOM   104 C C7    . DT  A 1 5  ? -4.692  -11.392 -0.336  1.00 13.18 ? 5  DT  A C7    1 
ATOM   105 C C6    . DT  A 1 5  ? -3.445  -11.062 -2.443  1.00 12.34 ? 5  DT  A C6    1 
ATOM   106 P P     . DT  A 1 6  ? 1.652   -11.021 -6.212  1.00 12.90 ? 6  DT  A P     1 
ATOM   107 O OP1   . DT  A 1 6  ? 1.802   -11.011 -7.679  1.00 11.53 ? 6  DT  A OP1   1 
ATOM   108 O OP2   . DT  A 1 6  ? 2.680   -11.666 -5.349  1.00 12.63 ? 6  DT  A OP2   1 
ATOM   109 O "O5'" . DT  A 1 6  ? 1.421   -9.539  -5.608  1.00 10.80 ? 6  DT  A "O5'" 1 
ATOM   110 C "C5'" . DT  A 1 6  ? 0.860   -8.480  -6.348  1.00 10.90 ? 6  DT  A "C5'" 1 
ATOM   111 C "C4'" . DT  A 1 6  ? 1.606   -7.185  -6.096  1.00 11.46 ? 6  DT  A "C4'" 1 
ATOM   112 O "O4'" . DT  A 1 6  ? 1.573   -6.879  -4.684  1.00 10.46 ? 6  DT  A "O4'" 1 
ATOM   113 C "C3'" . DT  A 1 6  ? 3.081   -7.249  -6.455  1.00 12.00 ? 6  DT  A "C3'" 1 
ATOM   114 O "O3'" . DT  A 1 6  ? 3.178   -6.902  -7.827  1.00 13.13 ? 6  DT  A "O3'" 1 
ATOM   115 C "C2'" . DT  A 1 6  ? 3.704   -6.226  -5.508  1.00 10.20 ? 6  DT  A "C2'" 1 
ATOM   116 C "C1'" . DT  A 1 6  ? 2.808   -6.319  -4.281  1.00 8.89  ? 6  DT  A "C1'" 1 
ATOM   117 N N1    . DT  A 1 6  ? 3.407   -7.125  -3.145  1.00 8.38  ? 6  DT  A N1    1 
ATOM   118 C C2    . DT  A 1 6  ? 4.353   -6.513  -2.355  1.00 7.40  ? 6  DT  A C2    1 
ATOM   119 O O2    . DT  A 1 6  ? 4.734   -5.378  -2.528  1.00 9.86  ? 6  DT  A O2    1 
ATOM   120 N N3    . DT  A 1 6  ? 4.869   -7.288  -1.360  1.00 7.66  ? 6  DT  A N3    1 
ATOM   121 C C4    . DT  A 1 6  ? 4.549   -8.600  -1.061  1.00 7.97  ? 6  DT  A C4    1 
ATOM   122 O O4    . DT  A 1 6  ? 5.105   -9.177  -0.114  1.00 8.15  ? 6  DT  A O4    1 
ATOM   123 C C5    . DT  A 1 6  ? 3.537   -9.197  -1.932  1.00 6.98  ? 6  DT  A C5    1 
ATOM   124 C C7    . DT  A 1 6  ? 3.066   -10.623 -1.759  1.00 7.82  ? 6  DT  A C7    1 
ATOM   125 C C6    . DT  A 1 6  ? 3.033   -8.436  -2.916  1.00 5.77  ? 6  DT  A C6    1 
ATOM   126 P P     . DT  A 1 7  ? 4.483   -7.123  -8.721  1.00 12.87 ? 7  DT  A P     1 
ATOM   127 O OP1   . DT  A 1 7  ? 4.118   -6.850  -10.139 1.00 13.31 ? 7  DT  A OP1   1 
ATOM   128 O OP2   . DT  A 1 7  ? 5.110   -8.405  -8.350  1.00 11.79 ? 7  DT  A OP2   1 
ATOM   129 O "O5'" . DT  A 1 7  ? 5.390   -5.913  -8.220  1.00 13.46 ? 7  DT  A "O5'" 1 
ATOM   130 C "C5'" . DT  A 1 7  ? 6.760   -5.961  -8.482  1.00 14.20 ? 7  DT  A "C5'" 1 
ATOM   131 C "C4'" . DT  A 1 7  ? 7.480   -4.867  -7.751  1.00 14.90 ? 7  DT  A "C4'" 1 
ATOM   132 O "O4'" . DT  A 1 7  ? 7.535   -5.214  -6.355  1.00 16.19 ? 7  DT  A "O4'" 1 
ATOM   133 C "C3'" . DT  A 1 7  ? 8.924   -4.743  -8.200  1.00 16.87 ? 7  DT  A "C3'" 1 
ATOM   134 O "O3'" . DT  A 1 7  ? 9.207   -3.375  -8.465  1.00 19.24 ? 7  DT  A "O3'" 1 
ATOM   135 C "C2'" . DT  A 1 7  ? 9.719   -5.325  -7.039  1.00 15.56 ? 7  DT  A "C2'" 1 
ATOM   136 C "C1'" . DT  A 1 7  ? 8.826   -4.902  -5.885  1.00 14.16 ? 7  DT  A "C1'" 1 
ATOM   137 N N1    . DT  A 1 7  ? 9.098   -5.651  -4.643  1.00 11.69 ? 7  DT  A N1    1 
ATOM   138 C C2    . DT  A 1 7  ? 10.147  -5.253  -3.833  1.00 10.91 ? 7  DT  A C2    1 
ATOM   139 O O2    . DT  A 1 7  ? 10.869  -4.301  -4.065  1.00 10.86 ? 7  DT  A O2    1 
ATOM   140 N N3    . DT  A 1 7  ? 10.329  -6.018  -2.702  1.00 9.92  ? 7  DT  A N3    1 
ATOM   141 C C4    . DT  A 1 7  ? 9.595   -7.124  -2.331  1.00 9.84  ? 7  DT  A C4    1 
ATOM   142 O O4    . DT  A 1 7  ? 9.861   -7.736  -1.306  1.00 9.99  ? 7  DT  A O4    1 
ATOM   143 C C5    . DT  A 1 7  ? 8.513   -7.492  -3.233  1.00 11.04 ? 7  DT  A C5    1 
ATOM   144 C C7    . DT  A 1 7  ? 7.636   -8.673  -2.935  1.00 11.34 ? 7  DT  A C7    1 
ATOM   145 C C6    . DT  A 1 7  ? 8.313   -6.745  -4.332  1.00 10.64 ? 7  DT  A C6    1 
ATOM   146 P P     . DT  A 1 8  ? 9.348   -2.888  -9.978  1.00 20.07 ? 8  DT  A P     1 
ATOM   147 O OP1   . DT  A 1 8  ? 8.002   -2.825  -10.586 1.00 21.32 ? 8  DT  A OP1   1 
ATOM   148 O OP2   . DT  A 1 8  ? 10.438  -3.653  -10.612 1.00 20.30 ? 8  DT  A OP2   1 
ATOM   149 O "O5'" . DT  A 1 8  ? 9.844   -1.395  -9.742  1.00 21.44 ? 8  DT  A "O5'" 1 
ATOM   150 C "C5'" . DT  A 1 8  ? 11.105  -1.161  -9.122  1.00 19.19 ? 8  DT  A "C5'" 1 
ATOM   151 C "C4'" . DT  A 1 8  ? 11.279  0.332   -8.954  1.00 18.00 ? 8  DT  A "C4'" 1 
ATOM   152 O "O4'" . DT  A 1 8  ? 11.025  0.975   -10.226 1.00 15.24 ? 8  DT  A "O4'" 1 
ATOM   153 C "C3'" . DT  A 1 8  ? 10.355  0.985   -7.941  1.00 18.28 ? 8  DT  A "C3'" 1 
ATOM   154 O "O3'" . DT  A 1 8  ? 11.136  1.900   -7.179  1.00 19.51 ? 8  DT  A "O3'" 1 
ATOM   155 C "C2'" . DT  A 1 8  ? 9.296   1.683   -8.796  1.00 16.65 ? 8  DT  A "C2'" 1 
ATOM   156 C "C1'" . DT  A 1 8  ? 10.091  1.998   -10.062 1.00 14.91 ? 8  DT  A "C1'" 1 
ATOM   157 N N1    . DT  A 1 8  ? 9.323   2.036   -11.338 1.00 12.52 ? 8  DT  A N1    1 
ATOM   158 C C2    . DT  A 1 8  ? 9.053   3.273   -11.898 1.00 12.31 ? 8  DT  A C2    1 
ATOM   159 O O2    . DT  A 1 8  ? 9.389   4.335   -11.385 1.00 10.87 ? 8  DT  A O2    1 
ATOM   160 N N3    . DT  A 1 8  ? 8.349   3.206   -13.084 1.00 12.45 ? 8  DT  A N3    1 
ATOM   161 C C4    . DT  A 1 8  ? 7.912   2.054   -13.715 1.00 11.49 ? 8  DT  A C4    1 
ATOM   162 O O4    . DT  A 1 8  ? 7.296   2.105   -14.759 1.00 15.06 ? 8  DT  A O4    1 
ATOM   163 C C5    . DT  A 1 8  ? 8.234   0.799   -13.087 1.00 10.99 ? 8  DT  A C5    1 
ATOM   164 C C7    . DT  A 1 8  ? 7.818   -0.502  -13.708 1.00 10.47 ? 8  DT  A C7    1 
ATOM   165 C C6    . DT  A 1 8  ? 8.916   0.852   -11.935 1.00 11.80 ? 8  DT  A C6    1 
ATOM   166 P P     . DG  A 1 9  ? 11.605  1.584   -5.672  1.00 18.54 ? 9  DG  A P     1 
ATOM   167 O OP1   . DG  A 1 9  ? 12.505  2.711   -5.345  1.00 19.44 ? 9  DG  A OP1   1 
ATOM   168 O OP2   . DG  A 1 9  ? 12.067  0.188   -5.633  1.00 18.77 ? 9  DG  A OP2   1 
ATOM   169 O "O5'" . DG  A 1 9  ? 10.284  1.632   -4.733  1.00 18.55 ? 9  DG  A "O5'" 1 
ATOM   170 C "C5'" . DG  A 1 9  ? 9.693   2.824   -4.207  1.00 15.80 ? 9  DG  A "C5'" 1 
ATOM   171 C "C4'" . DG  A 1 9  ? 8.982   3.629   -5.294  1.00 16.37 ? 9  DG  A "C4'" 1 
ATOM   172 O "O4'" . DG  A 1 9  ? 7.936   2.843   -5.931  1.00 15.68 ? 9  DG  A "O4'" 1 
ATOM   173 C "C3'" . DG  A 1 9  ? 8.292   4.908   -4.840  1.00 16.27 ? 9  DG  A "C3'" 1 
ATOM   174 O "O3'" . DG  A 1 9  ? 8.230   5.817   -5.939  1.00 18.42 ? 9  DG  A "O3'" 1 
ATOM   175 C "C2'" . DG  A 1 9  ? 6.907   4.392   -4.491  1.00 16.38 ? 9  DG  A "C2'" 1 
ATOM   176 C "C1'" . DG  A 1 9  ? 6.675   3.418   -5.645  1.00 14.77 ? 9  DG  A "C1'" 1 
ATOM   177 N N9    . DG  A 1 9  ? 5.726   2.348   -5.347  1.00 12.77 ? 9  DG  A N9    1 
ATOM   178 C C8    . DG  A 1 9  ? 4.632   2.003   -6.110  1.00 11.62 ? 9  DG  A C8    1 
ATOM   179 N N7    . DG  A 1 9  ? 3.946   1.019   -5.618  1.00 11.15 ? 9  DG  A N7    1 
ATOM   180 C C5    . DG  A 1 9  ? 4.632   0.703   -4.441  1.00 11.31 ? 9  DG  A C5    1 
ATOM   181 C C6    . DG  A 1 9  ? 4.390   -0.294  -3.473  1.00 11.36 ? 9  DG  A C6    1 
ATOM   182 O O6    . DG  A 1 9  ? 3.473   -1.121  -3.440  1.00 13.61 ? 9  DG  A O6    1 
ATOM   183 N N1    . DG  A 1 9  ? 5.334   -0.306  -2.445  1.00 11.54 ? 9  DG  A N1    1 
ATOM   184 C C2    . DG  A 1 9  ? 6.400   0.552   -2.331  1.00 10.40 ? 9  DG  A C2    1 
ATOM   185 N N2    . DG  A 1 9  ? 7.204   0.395   -1.262  1.00 10.60 ? 9  DG  A N2    1 
ATOM   186 N N3    . DG  A 1 9  ? 6.636   1.494   -3.225  1.00 11.68 ? 9  DG  A N3    1 
ATOM   187 C C4    . DG  A 1 9  ? 5.730   1.508   -4.253  1.00 11.64 ? 9  DG  A C4    1 
ATOM   188 P P     . DG  A 1 10 ? 7.477   7.237   -5.875  1.00 17.30 ? 10 DG  A P     1 
ATOM   189 O OP1   . DG  A 1 10 ? 7.999   8.025   -7.011  1.00 16.91 ? 10 DG  A OP1   1 
ATOM   190 O OP2   . DG  A 1 10 ? 7.579   7.751   -4.494  1.00 17.98 ? 10 DG  A OP2   1 
ATOM   191 O "O5'" . DG  A 1 10 ? 5.925   6.898   -6.075  1.00 17.92 ? 10 DG  A "O5'" 1 
ATOM   192 C "C5'" . DG  A 1 10 ? 5.414   6.607   -7.344  1.00 16.71 ? 10 DG  A "C5'" 1 
ATOM   193 C "C4'" . DG  A 1 10 ? 3.958   6.186   -7.305  1.00 15.53 ? 10 DG  A "C4'" 1 
ATOM   194 O "O4'" . DG  A 1 10 ? 3.754   5.040   -6.455  1.00 14.27 ? 10 DG  A "O4'" 1 
ATOM   195 C "C3'" . DG  A 1 10 ? 2.935   7.232   -6.847  1.00 16.18 ? 10 DG  A "C3'" 1 
ATOM   196 O "O3'" . DG  A 1 10 ? 1.906   6.948   -7.763  1.00 17.57 ? 10 DG  A "O3'" 1 
ATOM   197 C "C2'" . DG  A 1 10 ? 2.586   6.783   -5.429  1.00 15.40 ? 10 DG  A "C2'" 1 
ATOM   198 C "C1'" . DG  A 1 10 ? 2.568   5.283   -5.717  1.00 13.09 ? 10 DG  A "C1'" 1 
ATOM   199 N N9    . DG  A 1 10 ? 2.573   4.356   -4.606  1.00 11.50 ? 10 DG  A N9    1 
ATOM   200 C C8    . DG  A 1 10 ? 3.424   4.331   -3.527  1.00 10.54 ? 10 DG  A C8    1 
ATOM   201 N N7    . DG  A 1 10 ? 3.183   3.352   -2.712  1.00 9.47  ? 10 DG  A N7    1 
ATOM   202 C C5    . DG  A 1 10 ? 2.109   2.681   -3.287  1.00 10.71 ? 10 DG  A C5    1 
ATOM   203 C C6    . DG  A 1 10 ? 1.407   1.519   -2.868  1.00 9.24  ? 10 DG  A C6    1 
ATOM   204 O O6    . DG  A 1 10 ? 1.604   0.843   -1.861  1.00 10.80 ? 10 DG  A O6    1 
ATOM   205 N N1    . DG  A 1 10 ? 0.381   1.147   -3.735  1.00 9.74  ? 10 DG  A N1    1 
ATOM   206 C C2    . DG  A 1 10 ? 0.060   1.842   -4.890  1.00 9.52  ? 10 DG  A C2    1 
ATOM   207 N N2    . DG  A 1 10 ? -0.956  1.368   -5.622  1.00 9.11  ? 10 DG  A N2    1 
ATOM   208 N N3    . DG  A 1 10 ? 0.718   2.920   -5.309  1.00 11.36 ? 10 DG  A N3    1 
ATOM   209 C C4    . DG  A 1 10 ? 1.728   3.281   -4.466  1.00 11.24 ? 10 DG  A C4    1 
ATOM   210 P P     . DG  A 1 11 ? 0.499   7.676   -7.918  1.00 20.00 ? 11 DG  A P     1 
ATOM   211 O OP1   . DG  A 1 11 ? 0.029   7.205   -9.248  1.00 21.03 ? 11 DG  A OP1   1 
ATOM   212 O OP2   . DG  A 1 11 ? 0.630   9.113   -7.582  1.00 19.80 ? 11 DG  A OP2   1 
ATOM   213 O "O5'" . DG  A 1 11 ? -0.457  7.054   -6.807  1.00 19.08 ? 11 DG  A "O5'" 1 
ATOM   214 C "C5'" . DG  A 1 11 ? -1.030  5.780   -6.998  1.00 16.44 ? 11 DG  A "C5'" 1 
ATOM   215 C "C4'" . DG  A 1 11 ? -2.491  5.911   -7.358  1.00 13.66 ? 11 DG  A "C4'" 1 
ATOM   216 O "O4'" . DG  A 1 11 ? -3.181  4.725   -6.907  1.00 12.38 ? 11 DG  A "O4'" 1 
ATOM   217 C "C3'" . DG  A 1 11 ? -3.275  7.095   -6.794  1.00 13.40 ? 11 DG  A "C3'" 1 
ATOM   218 O "O3'" . DG  A 1 11 ? -4.230  7.412   -7.813  1.00 15.29 ? 11 DG  A "O3'" 1 
ATOM   219 C "C2'" . DG  A 1 11 ? -3.912  6.536   -5.529  1.00 11.67 ? 11 DG  A "C2'" 1 
ATOM   220 C "C1'" . DG  A 1 11 ? -4.115  5.065   -5.899  1.00 9.64  ? 11 DG  A "C1'" 1 
ATOM   221 N N9    . DG  A 1 11 ? -3.882  4.091   -4.844  1.00 7.94  ? 11 DG  A N9    1 
ATOM   222 C C8    . DG  A 1 11 ? -4.655  2.970   -4.663  1.00 6.20  ? 11 DG  A C8    1 
ATOM   223 N N7    . DG  A 1 11 ? -4.260  2.235   -3.681  1.00 6.55  ? 11 DG  A N7    1 
ATOM   224 C C5    . DG  A 1 11 ? -3.159  2.913   -3.182  1.00 5.86  ? 11 DG  A C5    1 
ATOM   225 C C6    . DG  A 1 11 ? -2.313  2.584   -2.105  1.00 5.20  ? 11 DG  A C6    1 
ATOM   226 O O6    . DG  A 1 11 ? -2.425  1.606   -1.400  1.00 6.48  ? 11 DG  A O6    1 
ATOM   227 N N1    . DG  A 1 11 ? -1.264  3.490   -1.862  1.00 4.96  ? 11 DG  A N1    1 
ATOM   228 C C2    . DG  A 1 11 ? -1.078  4.613   -2.607  1.00 4.79  ? 11 DG  A C2    1 
ATOM   229 N N2    . DG  A 1 11 ? -0.039  5.363   -2.251  1.00 6.61  ? 11 DG  A N2    1 
ATOM   230 N N3    . DG  A 1 11 ? -1.868  4.951   -3.638  1.00 6.11  ? 11 DG  A N3    1 
ATOM   231 C C4    . DG  A 1 11 ? -2.889  4.061   -3.882  1.00 6.46  ? 11 DG  A C4    1 
ATOM   232 P P     . DG  A 1 12 ? -5.494  8.392   -7.726  1.00 16.71 ? 12 DG  A P     1 
ATOM   233 O OP1   . DG  A 1 12 ? -5.920  8.547   -9.144  1.00 17.81 ? 12 DG  A OP1   1 
ATOM   234 O OP2   . DG  A 1 12 ? -5.183  9.549   -6.856  1.00 16.25 ? 12 DG  A OP2   1 
ATOM   235 O "O5'" . DG  A 1 12 ? -6.613  7.567   -6.949  1.00 15.73 ? 12 DG  A "O5'" 1 
ATOM   236 C "C5'" . DG  A 1 12 ? -7.262  6.382   -7.433  1.00 13.70 ? 12 DG  A "C5'" 1 
ATOM   237 C "C4'" . DG  A 1 12 ? -8.282  5.949   -6.395  1.00 12.90 ? 12 DG  A "C4'" 1 
ATOM   238 O "O4'" . DG  A 1 12 ? -7.586  5.348   -5.267  1.00 12.69 ? 12 DG  A "O4'" 1 
ATOM   239 C "C3'" . DG  A 1 12 ? -9.124  7.067   -5.777  1.00 12.23 ? 12 DG  A "C3'" 1 
ATOM   240 O "O3'" . DG  A 1 12 ? -10.433 6.575   -5.643  1.00 13.57 ? 12 DG  A "O3'" 1 
ATOM   241 C "C2'" . DG  A 1 12 ? -8.523  7.298   -4.387  1.00 12.66 ? 12 DG  A "C2'" 1 
ATOM   242 C "C1'" . DG  A 1 12 ? -8.072  5.869   -4.044  1.00 11.68 ? 12 DG  A "C1'" 1 
ATOM   243 N N9    . DG  A 1 12 ? -6.970  5.693   -3.090  1.00 10.60 ? 12 DG  A N9    1 
ATOM   244 C C8    . DG  A 1 12 ? -5.866  6.501   -2.941  1.00 9.92  ? 12 DG  A C8    1 
ATOM   245 N N7    . DG  A 1 12 ? -5.038  6.109   -2.022  1.00 8.77  ? 12 DG  A N7    1 
ATOM   246 C C5    . DG  A 1 12 ? -5.620  4.944   -1.542  1.00 9.04  ? 12 DG  A C5    1 
ATOM   247 C C6    . DG  A 1 12 ? -5.180  4.066   -0.530  1.00 9.41  ? 12 DG  A C6    1 
ATOM   248 O O6    . DG  A 1 12 ? -4.138  4.177   0.120   1.00 10.65 ? 12 DG  A O6    1 
ATOM   249 N N1    . DG  A 1 12 ? -6.049  2.993   -0.278  1.00 8.76  ? 12 DG  A N1    1 
ATOM   250 C C2    . DG  A 1 12 ? -7.236  2.792   -0.962  1.00 9.35  ? 12 DG  A C2    1 
ATOM   251 N N2    . DG  A 1 12 ? -7.980  1.719   -0.622  1.00 9.45  ? 12 DG  A N2    1 
ATOM   252 N N3    . DG  A 1 12 ? -7.661  3.616   -1.918  1.00 10.14 ? 12 DG  A N3    1 
ATOM   253 C C4    . DG  A 1 12 ? -6.811  4.667   -2.169  1.00 9.99  ? 12 DG  A C4    1 
ATOM   254 O "O5'" . DG  B 1 1  ? -0.504  -0.249  -9.925  1.00 17.54 ? 13 DG  B "O5'" 1 
ATOM   255 C "C5'" . DG  B 1 1  ? -0.670  -1.208  -10.992 1.00 15.11 ? 13 DG  B "C5'" 1 
ATOM   256 C "C4'" . DG  B 1 1  ? -1.922  -2.063  -10.785 1.00 13.81 ? 13 DG  B "C4'" 1 
ATOM   257 O "O4'" . DG  B 1 1  ? -1.654  -3.134  -9.838  1.00 13.55 ? 13 DG  B "O4'" 1 
ATOM   258 C "C3'" . DG  B 1 1  ? -3.154  -1.344  -10.226 1.00 12.96 ? 13 DG  B "C3'" 1 
ATOM   259 O "O3'" . DG  B 1 1  ? -4.347  -1.929  -10.762 1.00 12.43 ? 13 DG  B "O3'" 1 
ATOM   260 C "C2'" . DG  B 1 1  ? -3.019  -1.576  -8.721  1.00 12.07 ? 13 DG  B "C2'" 1 
ATOM   261 C "C1'" . DG  B 1 1  ? -2.498  -3.008  -8.702  1.00 11.96 ? 13 DG  B "C1'" 1 
ATOM   262 N N9    . DG  B 1 1  ? -1.791  -3.344  -7.462  1.00 12.41 ? 13 DG  B N9    1 
ATOM   263 C C8    . DG  B 1 1  ? -2.111  -4.360  -6.603  1.00 11.48 ? 13 DG  B C8    1 
ATOM   264 N N7    . DG  B 1 1  ? -1.330  -4.439  -5.575  1.00 10.70 ? 13 DG  B N7    1 
ATOM   265 C C5    . DG  B 1 1  ? -0.435  -3.402  -5.740  1.00 10.41 ? 13 DG  B C5    1 
ATOM   266 C C6    . DG  B 1 1  ? 0.639   -3.005  -4.923  1.00 10.21 ? 13 DG  B C6    1 
ATOM   267 O O6    . DG  B 1 1  ? 1.001   -3.523  -3.851  1.00 11.22 ? 13 DG  B O6    1 
ATOM   268 N N1    . DG  B 1 1  ? 1.318   -1.896  -5.441  1.00 10.87 ? 13 DG  B N1    1 
ATOM   269 C C2    . DG  B 1 1  ? 0.985   -1.252  -6.611  1.00 11.52 ? 13 DG  B C2    1 
ATOM   270 N N2    . DG  B 1 1  ? 1.746   -0.214  -6.966  1.00 12.71 ? 13 DG  B N2    1 
ATOM   271 N N3    . DG  B 1 1  ? -0.020  -1.619  -7.394  1.00 12.56 ? 13 DG  B N3    1 
ATOM   272 C C4    . DG  B 1 1  ? -0.692  -2.707  -6.899  1.00 12.28 ? 13 DG  B C4    1 
ATOM   273 P P     . DG  B 1 2  ? -5.829  -1.482  -10.356 1.00 12.86 ? 14 DG  B P     1 
ATOM   274 O OP1   . DG  B 1 2  ? -6.751  -2.107  -11.317 1.00 13.34 ? 14 DG  B OP1   1 
ATOM   275 O OP2   . DG  B 1 2  ? -5.866  -0.019  -10.126 1.00 15.21 ? 14 DG  B OP2   1 
ATOM   276 O "O5'" . DG  B 1 2  ? -6.102  -2.138  -8.931  1.00 14.50 ? 14 DG  B "O5'" 1 
ATOM   277 C "C5'" . DG  B 1 2  ? -6.514  -3.488  -8.814  1.00 13.62 ? 14 DG  B "C5'" 1 
ATOM   278 C "C4'" . DG  B 1 2  ? -6.611  -3.796  -7.340  1.00 13.06 ? 14 DG  B "C4'" 1 
ATOM   279 O "O4'" . DG  B 1 2  ? -5.348  -3.537  -6.675  1.00 12.34 ? 14 DG  B "O4'" 1 
ATOM   280 C "C3'" . DG  B 1 2  ? -7.641  -2.957  -6.587  1.00 13.59 ? 14 DG  B "C3'" 1 
ATOM   281 O "O3'" . DG  B 1 2  ? -8.335  -3.831  -5.733  1.00 12.43 ? 14 DG  B "O3'" 1 
ATOM   282 C "C2'" . DG  B 1 2  ? -6.797  -1.968  -5.788  1.00 11.50 ? 14 DG  B "C2'" 1 
ATOM   283 C "C1'" . DG  B 1 2  ? -5.657  -2.904  -5.451  1.00 10.77 ? 14 DG  B "C1'" 1 
ATOM   284 N N9    . DG  B 1 2  ? -4.481  -2.238  -4.921  1.00 10.21 ? 14 DG  B N9    1 
ATOM   285 C C8    . DG  B 1 2  ? -3.853  -1.124  -5.426  1.00 9.44  ? 14 DG  B C8    1 
ATOM   286 N N7    . DG  B 1 2  ? -2.817  -0.763  -4.723  1.00 9.67  ? 14 DG  B N7    1 
ATOM   287 C C5    . DG  B 1 2  ? -2.779  -1.702  -3.696  1.00 8.45  ? 14 DG  B C5    1 
ATOM   288 C C6    . DG  B 1 2  ? -1.885  -1.822  -2.621  1.00 8.40  ? 14 DG  B C6    1 
ATOM   289 O O6    . DG  B 1 2  ? -0.931  -1.075  -2.404  1.00 10.14 ? 14 DG  B O6    1 
ATOM   290 N N1    . DG  B 1 2  ? -2.169  -2.894  -1.759  1.00 7.91  ? 14 DG  B N1    1 
ATOM   291 C C2    . DG  B 1 2  ? -3.222  -3.770  -1.940  1.00 8.22  ? 14 DG  B C2    1 
ATOM   292 N N2    . DG  B 1 2  ? -3.370  -4.766  -1.047  1.00 5.80  ? 14 DG  B N2    1 
ATOM   293 N N3    . DG  B 1 2  ? -4.072  -3.665  -2.965  1.00 8.93  ? 14 DG  B N3    1 
ATOM   294 C C4    . DG  B 1 2  ? -3.785  -2.621  -3.798  1.00 8.75  ? 14 DG  B C4    1 
ATOM   295 P P     . DG  B 1 3  ? -9.673  -3.392  -5.024  1.00 12.95 ? 15 DG  B P     1 
ATOM   296 O OP1   . DG  B 1 3  ? -10.736 -4.139  -5.705  1.00 15.02 ? 15 DG  B OP1   1 
ATOM   297 O OP2   . DG  B 1 3  ? -9.763  -1.921  -4.879  1.00 12.60 ? 15 DG  B OP2   1 
ATOM   298 O "O5'" . DG  B 1 3  ? -9.516  -4.077  -3.602  1.00 14.07 ? 15 DG  B "O5'" 1 
ATOM   299 C "C5'" . DG  B 1 3  ? -8.384  -3.897  -2.772  1.00 13.19 ? 15 DG  B "C5'" 1 
ATOM   300 C "C4'" . DG  B 1 3  ? -8.810  -4.430  -1.413  1.00 13.25 ? 15 DG  B "C4'" 1 
ATOM   301 O "O4'" . DG  B 1 3  ? -7.723  -4.402  -0.454  1.00 12.90 ? 15 DG  B "O4'" 1 
ATOM   302 C "C3'" . DG  B 1 3  ? -9.955  -3.704  -0.723  1.00 12.83 ? 15 DG  B "C3'" 1 
ATOM   303 O "O3'" . DG  B 1 3  ? -10.683 -4.708  0.003   1.00 13.50 ? 15 DG  B "O3'" 1 
ATOM   304 C "C2'" . DG  B 1 3  ? -9.210  -2.692  0.155   1.00 10.76 ? 15 DG  B "C2'" 1 
ATOM   305 C "C1'" . DG  B 1 3  ? -8.038  -3.552  0.628   1.00 10.61 ? 15 DG  B "C1'" 1 
ATOM   306 N N9    . DG  B 1 3  ? -6.753  -2.917  0.940   1.00 11.00 ? 15 DG  B N9    1 
ATOM   307 C C8    . DG  B 1 3  ? -5.976  -3.210  2.043   1.00 8.78  ? 15 DG  B C8    1 
ATOM   308 N N7    . DG  B 1 3  ? -4.862  -2.545  2.076   1.00 9.13  ? 15 DG  B N7    1 
ATOM   309 C C5    . DG  B 1 3  ? -4.892  -1.770  0.926   1.00 8.65  ? 15 DG  B C5    1 
ATOM   310 C C6    . DG  B 1 3  ? -3.964  -0.833  0.405   1.00 8.28  ? 15 DG  B C6    1 
ATOM   311 O O6    . DG  B 1 3  ? -2.887  -0.482  0.888   1.00 7.74  ? 15 DG  B O6    1 
ATOM   312 N N1    . DG  B 1 3  ? -4.369  -0.255  -0.811  1.00 6.41  ? 15 DG  B N1    1 
ATOM   313 C C2    . DG  B 1 3  ? -5.544  -0.546  -1.455  1.00 6.15  ? 15 DG  B C2    1 
ATOM   314 N N2    . DG  B 1 3  ? -5.809  0.083   -2.613  1.00 7.87  ? 15 DG  B N2    1 
ATOM   315 N N3    . DG  B 1 3  ? -6.407  -1.413  -0.973  1.00 8.67  ? 15 DG  B N3    1 
ATOM   316 C C4    . DG  B 1 3  ? -6.040  -1.994  0.203   1.00 8.42  ? 15 DG  B C4    1 
ATOM   317 P P     . DG  B 1 4  ? -12.069 -4.384  0.724   1.00 13.76 ? 16 DG  B P     1 
ATOM   318 O OP1   . DG  B 1 4  ? -12.824 -5.642  0.831   1.00 15.70 ? 16 DG  B OP1   1 
ATOM   319 O OP2   . DG  B 1 4  ? -12.651 -3.196  0.077   1.00 13.39 ? 16 DG  B OP2   1 
ATOM   320 O "O5'" . DG  B 1 4  ? -11.637 -3.965  2.200   1.00 14.85 ? 16 DG  B "O5'" 1 
ATOM   321 C "C5'" . DG  B 1 4  ? -11.003 -4.843  3.137   1.00 11.65 ? 16 DG  B "C5'" 1 
ATOM   322 C "C4'" . DG  B 1 4  ? -10.423 -3.982  4.249   1.00 11.06 ? 16 DG  B "C4'" 1 
ATOM   323 O "O4'" . DG  B 1 4  ? -9.323  -3.202  3.725   1.00 10.33 ? 16 DG  B "O4'" 1 
ATOM   324 C "C3'" . DG  B 1 4  ? -11.378 -2.960  4.893   1.00 12.08 ? 16 DG  B "C3'" 1 
ATOM   325 O "O3'" . DG  B 1 4  ? -11.327 -3.127  6.351   1.00 13.06 ? 16 DG  B "O3'" 1 
ATOM   326 C "C2'" . DG  B 1 4  ? -10.890 -1.613  4.354   1.00 9.34  ? 16 DG  B "C2'" 1 
ATOM   327 C "C1'" . DG  B 1 4  ? -9.398  -1.899  4.266   1.00 8.84  ? 16 DG  B "C1'" 1 
ATOM   328 N N9    . DG  B 1 4  ? -8.574  -0.960  3.480   1.00 8.44  ? 16 DG  B N9    1 
ATOM   329 C C8    . DG  B 1 4  ? -8.902  -0.275  2.325   1.00 6.54  ? 16 DG  B C8    1 
ATOM   330 N N7    . DG  B 1 4  ? -7.951  0.488   1.867   1.00 5.15  ? 16 DG  B N7    1 
ATOM   331 C C5    . DG  B 1 4  ? -6.922  0.305   2.777   1.00 6.92  ? 16 DG  B C5    1 
ATOM   332 C C6    . DG  B 1 4  ? -5.621  0.879   2.827   1.00 8.58  ? 16 DG  B C6    1 
ATOM   333 O O6    . DG  B 1 4  ? -5.074  1.687   2.039   1.00 9.28  ? 16 DG  B O6    1 
ATOM   334 N N1    . DG  B 1 4  ? -4.889  0.434   3.940   1.00 7.24  ? 16 DG  B N1    1 
ATOM   335 C C2    . DG  B 1 4  ? -5.326  -0.462  4.869   1.00 5.98  ? 16 DG  B C2    1 
ATOM   336 N N2    . DG  B 1 4  ? -4.442  -0.753  5.831   1.00 6.30  ? 16 DG  B N2    1 
ATOM   337 N N3    . DG  B 1 4  ? -6.543  -1.002  4.842   1.00 6.85  ? 16 DG  B N3    1 
ATOM   338 C C4    . DG  B 1 4  ? -7.284  -0.576  3.781   1.00 6.99  ? 16 DG  B C4    1 
ATOM   339 P P     . DT  B 1 5  ? -11.935 -2.173  7.493   1.00 12.13 ? 17 DT  B P     1 
ATOM   340 O OP1   . DT  B 1 5  ? -11.683 -2.931  8.730   1.00 14.45 ? 17 DT  B OP1   1 
ATOM   341 O OP2   . DT  B 1 5  ? -13.282 -1.682  7.182   1.00 14.67 ? 17 DT  B OP2   1 
ATOM   342 O "O5'" . DT  B 1 5  ? -10.979 -0.893  7.453   1.00 13.71 ? 17 DT  B "O5'" 1 
ATOM   343 C "C5'" . DT  B 1 5  ? -9.639  -0.960  7.927   1.00 13.86 ? 17 DT  B "C5'" 1 
ATOM   344 C "C4'" . DT  B 1 5  ? -8.992  0.384   7.670   1.00 14.69 ? 17 DT  B "C4'" 1 
ATOM   345 O "O4'" . DT  B 1 5  ? -9.042  0.620   6.260   1.00 14.64 ? 17 DT  B "O4'" 1 
ATOM   346 C "C3'" . DT  B 1 5  ? -9.720  1.620   8.208   1.00 14.54 ? 17 DT  B "C3'" 1 
ATOM   347 O "O3'" . DT  B 1 5  ? -9.368  1.829   9.589   1.00 15.17 ? 17 DT  B "O3'" 1 
ATOM   348 C "C2'" . DT  B 1 5  ? -9.235  2.720   7.263   1.00 13.80 ? 17 DT  B "C2'" 1 
ATOM   349 C "C1'" . DT  B 1 5  ? -8.614  1.948   6.101   1.00 14.06 ? 17 DT  B "C1'" 1 
ATOM   350 N N1    . DT  B 1 5  ? -8.995  2.503   4.772   1.00 13.30 ? 17 DT  B N1    1 
ATOM   351 C C2    . DT  B 1 5  ? -8.041  3.228   4.100   1.00 12.67 ? 17 DT  B C2    1 
ATOM   352 O O2    . DT  B 1 5  ? -6.909  3.420   4.532   1.00 12.25 ? 17 DT  B O2    1 
ATOM   353 N N3    . DT  B 1 5  ? -8.449  3.723   2.882   1.00 12.34 ? 17 DT  B N3    1 
ATOM   354 C C4    . DT  B 1 5  ? -9.694  3.579   2.295   1.00 12.64 ? 17 DT  B C4    1 
ATOM   355 O O4    . DT  B 1 5  ? -9.947  4.090   1.203   1.00 13.33 ? 17 DT  B O4    1 
ATOM   356 C C5    . DT  B 1 5  ? -10.653 2.800   3.053   1.00 13.00 ? 17 DT  B C5    1 
ATOM   357 C C7    . DT  B 1 5  ? -12.039 2.573   2.528   1.00 11.80 ? 17 DT  B C7    1 
ATOM   358 C C6    . DT  B 1 5  ? -10.267 2.305   4.246   1.00 13.40 ? 17 DT  B C6    1 
ATOM   359 P P     . DT  B 1 6  ? -9.673  3.138   10.479  1.00 14.17 ? 18 DT  B P     1 
ATOM   360 O OP1   . DT  B 1 6  ? -9.299  2.774   11.862  1.00 15.09 ? 18 DT  B OP1   1 
ATOM   361 O OP2   . DT  B 1 6  ? -11.021 3.643   10.148  1.00 13.78 ? 18 DT  B OP2   1 
ATOM   362 O "O5'" . DT  B 1 6  ? -8.637  4.238   10.015  1.00 13.96 ? 18 DT  B "O5'" 1 
ATOM   363 C "C5'" . DT  B 1 6  ? -7.237  4.131   10.179  1.00 13.92 ? 18 DT  B "C5'" 1 
ATOM   364 C "C4'" . DT  B 1 6  ? -6.624  5.375   9.571   1.00 13.28 ? 18 DT  B "C4'" 1 
ATOM   365 O "O4'" . DT  B 1 6  ? -7.024  5.454   8.183   1.00 13.49 ? 18 DT  B "O4'" 1 
ATOM   366 C "C3'" . DT  B 1 6  ? -7.040  6.712   10.203  1.00 13.67 ? 18 DT  B "C3'" 1 
ATOM   367 O "O3'" . DT  B 1 6  ? -5.904  7.579   10.312  1.00 14.53 ? 18 DT  B "O3'" 1 
ATOM   368 C "C2'" . DT  B 1 6  ? -8.071  7.277   9.226   1.00 12.07 ? 18 DT  B "C2'" 1 
ATOM   369 C "C1'" . DT  B 1 6  ? -7.453  6.777   7.924   1.00 11.89 ? 18 DT  B "C1'" 1 
ATOM   370 N N1    . DT  B 1 6  ? -8.321  6.693   6.712   1.00 11.77 ? 18 DT  B N1    1 
ATOM   371 C C2    . DT  B 1 6  ? -7.773  7.102   5.517   1.00 10.48 ? 18 DT  B C2    1 
ATOM   372 O O2    . DT  B 1 6  ? -6.642  7.537   5.422   1.00 12.19 ? 18 DT  B O2    1 
ATOM   373 N N3    . DT  B 1 6  ? -8.602  6.990   4.440   1.00 8.62  ? 18 DT  B N3    1 
ATOM   374 C C4    . DT  B 1 6  ? -9.889  6.512   4.449   1.00 9.20  ? 18 DT  B C4    1 
ATOM   375 O O4    . DT  B 1 6  ? -10.540 6.457   3.421   1.00 11.15 ? 18 DT  B O4    1 
ATOM   376 C C5    . DT  B 1 6  ? -10.420 6.093   5.720   1.00 9.32  ? 18 DT  B C5    1 
ATOM   377 C C7    . DT  B 1 6  ? -11.823 5.562   5.827   1.00 9.49  ? 18 DT  B C7    1 
ATOM   378 C C6    . DT  B 1 6  ? -9.618  6.200   6.787   1.00 10.25 ? 18 DT  B C6    1 
ATOM   379 P P     . DT  B 1 7  ? -4.692  7.282   11.320  1.00 12.82 ? 19 DT  B P     1 
ATOM   380 O OP1   . DT  B 1 7  ? -4.870  5.998   12.006  1.00 16.98 ? 19 DT  B OP1   1 
ATOM   381 O OP2   . DT  B 1 7  ? -4.513  8.541   12.070  1.00 14.22 ? 19 DT  B OP2   1 
ATOM   382 O "O5'" . DT  B 1 7  ? -3.470  6.957   10.359  1.00 14.39 ? 19 DT  B "O5'" 1 
ATOM   383 C "C5'" . DT  B 1 7  ? -2.176  7.506   10.470  1.00 14.09 ? 19 DT  B "C5'" 1 
ATOM   384 C "C4'" . DT  B 1 7  ? -1.604  7.467   9.074   1.00 14.67 ? 19 DT  B "C4'" 1 
ATOM   385 O "O4'" . DT  B 1 7  ? -1.661  6.108   8.565   1.00 15.40 ? 19 DT  B "O4'" 1 
ATOM   386 C "C3'" . DT  B 1 7  ? -2.332  8.316   8.033   1.00 14.07 ? 19 DT  B "C3'" 1 
ATOM   387 O "O3'" . DT  B 1 7  ? -1.404  8.625   7.015   1.00 15.00 ? 19 DT  B "O3'" 1 
ATOM   388 C "C2'" . DT  B 1 7  ? -3.370  7.362   7.470   1.00 13.71 ? 19 DT  B "C2'" 1 
ATOM   389 C "C1'" . DT  B 1 7  ? -2.581  6.040   7.474   1.00 14.73 ? 19 DT  B "C1'" 1 
ATOM   390 N N1    . DT  B 1 7  ? -3.442  4.782   7.593   1.00 12.72 ? 19 DT  B N1    1 
ATOM   391 C C2    . DT  B 1 7  ? -4.303  4.467   6.555   1.00 11.91 ? 19 DT  B C2    1 
ATOM   392 O O2    . DT  B 1 7  ? -4.398  5.135   5.532   1.00 12.02 ? 19 DT  B O2    1 
ATOM   393 N N3    . DT  B 1 7  ? -5.042  3.322   6.728   1.00 11.09 ? 19 DT  B N3    1 
ATOM   394 C C4    . DT  B 1 7  ? -4.996  2.475   7.813   1.00 11.12 ? 19 DT  B C4    1 
ATOM   395 O O4    . DT  B 1 7  ? -5.713  1.481   7.848   1.00 14.41 ? 19 DT  B O4    1 
ATOM   396 C C5    . DT  B 1 7  ? -4.078  2.860   8.875   1.00 10.09 ? 19 DT  B C5    1 
ATOM   397 C C7    . DT  B 1 7  ? -3.925  2.046   10.127  1.00 10.33 ? 19 DT  B C7    1 
ATOM   398 C C6    . DT  B 1 7  ? -3.357  3.976   8.714   1.00 10.34 ? 19 DT  B C6    1 
ATOM   399 P P     . DT  B 1 8  ? -1.027  10.111  6.584   1.00 12.80 ? 20 DT  B P     1 
ATOM   400 O OP1   . DT  B 1 8  ? 0.410   10.127  6.243   1.00 15.10 ? 20 DT  B OP1   1 
ATOM   401 O OP2   . DT  B 1 8  ? -1.576  11.052  7.575   1.00 14.92 ? 20 DT  B OP2   1 
ATOM   402 O "O5'" . DT  B 1 8  ? -1.815  10.256  5.207   1.00 14.58 ? 20 DT  B "O5'" 1 
ATOM   403 C "C5'" . DT  B 1 8  ? -1.563  9.422   4.081   1.00 12.11 ? 20 DT  B "C5'" 1 
ATOM   404 C "C4'" . DT  B 1 8  ? -2.544  9.739   2.975   1.00 11.17 ? 20 DT  B "C4'" 1 
ATOM   405 O "O4'" . DT  B 1 8  ? -3.887  9.402   3.398   1.00 12.17 ? 20 DT  B "O4'" 1 
ATOM   406 C "C3'" . DT  B 1 8  ? -2.625  11.194  2.529   1.00 11.96 ? 20 DT  B "C3'" 1 
ATOM   407 O "O3'" . DT  B 1 8  ? -2.895  11.188  1.120   1.00 13.17 ? 20 DT  B "O3'" 1 
ATOM   408 C "C2'" . DT  B 1 8  ? -3.781  11.785  3.334   1.00 10.16 ? 20 DT  B "C2'" 1 
ATOM   409 C "C1'" . DT  B 1 8  ? -4.697  10.579  3.401   1.00 11.67 ? 20 DT  B "C1'" 1 
ATOM   410 N N1    . DT  B 1 8  ? -5.589  10.547  4.598   1.00 12.10 ? 20 DT  B N1    1 
ATOM   411 C C2    . DT  B 1 8  ? -6.958  10.467  4.389   1.00 12.31 ? 20 DT  B C2    1 
ATOM   412 O O2    . DT  B 1 8  ? -7.482  10.426  3.287   1.00 13.34 ? 20 DT  B O2    1 
ATOM   413 N N3    . DT  B 1 8  ? -7.700  10.429  5.533   1.00 12.58 ? 20 DT  B N3    1 
ATOM   414 C C4    . DT  B 1 8  ? -7.228  10.466  6.835   1.00 11.72 ? 20 DT  B C4    1 
ATOM   415 O O4    . DT  B 1 8  ? -8.011  10.429  7.773   1.00 11.01 ? 20 DT  B O4    1 
ATOM   416 C C5    . DT  B 1 8  ? -5.784  10.552  6.988   1.00 11.64 ? 20 DT  B C5    1 
ATOM   417 C C7    . DT  B 1 8  ? -5.128  10.601  8.341   1.00 10.68 ? 20 DT  B C7    1 
ATOM   418 C C6    . DT  B 1 8  ? -5.047  10.585  5.870   1.00 11.36 ? 20 DT  B C6    1 
ATOM   419 P P     . DG  B 1 9  ? -2.603  12.432  0.172   1.00 13.97 ? 21 DG  B P     1 
ATOM   420 O OP1   . DG  B 1 9  ? -3.077  13.664  0.826   1.00 14.51 ? 21 DG  B OP1   1 
ATOM   421 O OP2   . DG  B 1 9  ? -3.098  12.094  -1.188  1.00 14.91 ? 21 DG  B OP2   1 
ATOM   422 O "O5'" . DG  B 1 9  ? -1.009  12.465  0.148   1.00 15.41 ? 21 DG  B "O5'" 1 
ATOM   423 C "C5'" . DG  B 1 9  ? -0.297  11.460  -0.551  1.00 14.71 ? 21 DG  B "C5'" 1 
ATOM   424 C "C4'" . DG  B 1 9  ? 1.079   11.368  0.067   1.00 14.87 ? 21 DG  B "C4'" 1 
ATOM   425 O "O4'" . DG  B 1 9  ? 1.018   10.620  1.314   1.00 13.62 ? 21 DG  B "O4'" 1 
ATOM   426 C "C3'" . DG  B 1 9  ? 2.129   10.683  -0.798  1.00 15.22 ? 21 DG  B "C3'" 1 
ATOM   427 O "O3'" . DG  B 1 9  ? 3.389   11.252  -0.460  1.00 16.69 ? 21 DG  B "O3'" 1 
ATOM   428 C "C2'" . DG  B 1 9  ? 2.019   9.239   -0.339  1.00 12.83 ? 21 DG  B "C2'" 1 
ATOM   429 C "C1'" . DG  B 1 9  ? 1.757   9.428   1.154   1.00 10.61 ? 21 DG  B "C1'" 1 
ATOM   430 N N9    . DG  B 1 9  ? 1.018   8.307   1.700   1.00 9.40  ? 21 DG  B N9    1 
ATOM   431 C C8    . DG  B 1 9  ? 1.358   7.602   2.825   1.00 7.89  ? 21 DG  B C8    1 
ATOM   432 N N7    . DG  B 1 9  ? 0.545   6.636   3.080   1.00 7.10  ? 21 DG  B N7    1 
ATOM   433 C C5    . DG  B 1 9  ? -0.384  6.690   2.045   1.00 7.96  ? 21 DG  B C5    1 
ATOM   434 C C6    . DG  B 1 9  ? -1.514  5.891   1.790   1.00 7.76  ? 21 DG  B C6    1 
ATOM   435 O O6    . DG  B 1 9  ? -1.920  4.945   2.460   1.00 8.70  ? 21 DG  B O6    1 
ATOM   436 N N1    . DG  B 1 9  ? -2.225  6.267   0.648   1.00 8.45  ? 21 DG  B N1    1 
ATOM   437 C C2    . DG  B 1 9  ? -1.901  7.323   -0.163  1.00 8.07  ? 21 DG  B C2    1 
ATOM   438 N N2    . DG  B 1 9  ? -2.694  7.540   -1.232  1.00 7.69  ? 21 DG  B N2    1 
ATOM   439 N N3    . DG  B 1 9  ? -0.833  8.073   0.058   1.00 8.71  ? 21 DG  B N3    1 
ATOM   440 C C4    . DG  B 1 9  ? -0.125  7.715   1.181   1.00 8.71  ? 21 DG  B C4    1 
ATOM   441 P P     . DG  B 1 10 ? 4.762   10.813  -1.146  1.00 16.44 ? 22 DG  B P     1 
ATOM   442 O OP1   . DG  B 1 10 ? 5.641   11.985  -0.968  1.00 18.77 ? 22 DG  B OP1   1 
ATOM   443 O OP2   . DG  B 1 10 ? 4.486   10.255  -2.490  1.00 17.20 ? 22 DG  B OP2   1 
ATOM   444 O "O5'" . DG  B 1 10 ? 5.344   9.643   -0.234  1.00 16.93 ? 22 DG  B "O5'" 1 
ATOM   445 C "C5'" . DG  B 1 10 ? 5.639   9.881   1.141   1.00 16.67 ? 22 DG  B "C5'" 1 
ATOM   446 C "C4'" . DG  B 1 10 ? 5.723   8.582   1.916   1.00 16.21 ? 22 DG  B "C4'" 1 
ATOM   447 O "O4'" . DG  B 1 10 ? 4.466   7.845   1.832   1.00 15.48 ? 22 DG  B "O4'" 1 
ATOM   448 C "C3'" . DG  B 1 10 ? 6.819   7.624   1.442   1.00 15.97 ? 22 DG  B "C3'" 1 
ATOM   449 O "O3'" . DG  B 1 10 ? 7.545   7.227   2.610   1.00 16.06 ? 22 DG  B "O3'" 1 
ATOM   450 C "C2'" . DG  B 1 10 ? 6.026   6.500   0.760   1.00 14.91 ? 22 DG  B "C2'" 1 
ATOM   451 C "C1'" . DG  B 1 10 ? 4.782   6.483   1.649   1.00 13.22 ? 22 DG  B "C1'" 1 
ATOM   452 N N9    . DG  B 1 10 ? 3.621   5.776   1.117   1.00 12.71 ? 22 DG  B N9    1 
ATOM   453 C C8    . DG  B 1 10 ? 2.961   5.999   -0.076  1.00 11.20 ? 22 DG  B C8    1 
ATOM   454 N N7    . DG  B 1 10 ? 1.947   5.206   -0.262  1.00 11.06 ? 22 DG  B N7    1 
ATOM   455 C C5    . DG  B 1 10 ? 1.931   4.404   0.880   1.00 11.11 ? 22 DG  B C5    1 
ATOM   456 C C6    . DG  B 1 10 ? 1.072   3.339   1.280   1.00 11.32 ? 22 DG  B C6    1 
ATOM   457 O O6    . DG  B 1 10 ? 0.098   2.863   0.675   1.00 11.39 ? 22 DG  B O6    1 
ATOM   458 N N1    . DG  B 1 10 ? 1.410   2.781   2.528   1.00 9.47  ? 22 DG  B N1    1 
ATOM   459 C C2    . DG  B 1 10 ? 2.447   3.220   3.301   1.00 8.80  ? 22 DG  B C2    1 
ATOM   460 N N2    . DG  B 1 10 ? 2.653   2.590   4.454   1.00 9.14  ? 22 DG  B N2    1 
ATOM   461 N N3    . DG  B 1 10 ? 3.256   4.205   2.940   1.00 11.65 ? 22 DG  B N3    1 
ATOM   462 C C4    . DG  B 1 10 ? 2.953   4.749   1.734   1.00 10.84 ? 22 DG  B C4    1 
ATOM   463 P P     . DG  B 1 11 ? 8.810   6.250   2.576   1.00 16.04 ? 23 DG  B P     1 
ATOM   464 O OP1   . DG  B 1 11 ? 9.329   6.248   3.961   1.00 18.76 ? 23 DG  B OP1   1 
ATOM   465 O OP2   . DG  B 1 11 ? 9.709   6.654   1.485   1.00 16.47 ? 23 DG  B OP2   1 
ATOM   466 O "O5'" . DG  B 1 11 ? 8.190   4.800   2.311   1.00 16.03 ? 23 DG  B "O5'" 1 
ATOM   467 C "C5'" . DG  B 1 11 ? 7.170   4.284   3.193   1.00 14.49 ? 23 DG  B "C5'" 1 
ATOM   468 C "C4'" . DG  B 1 11 ? 7.684   3.316   4.246   1.00 12.89 ? 23 DG  B "C4'" 1 
ATOM   469 O "O4'" . DG  B 1 11 ? 6.609   2.423   4.646   1.00 12.89 ? 23 DG  B "O4'" 1 
ATOM   470 C "C3'" . DG  B 1 11 ? 8.822   2.384   3.847   1.00 13.56 ? 23 DG  B "C3'" 1 
ATOM   471 O "O3'" . DG  B 1 11 ? 9.541   2.055   5.043   1.00 13.13 ? 23 DG  B "O3'" 1 
ATOM   472 C "C2'" . DG  B 1 11 ? 8.088   1.183   3.264   1.00 11.60 ? 23 DG  B "C2'" 1 
ATOM   473 C "C1'" . DG  B 1 11 ? 6.907   1.100   4.235   1.00 11.46 ? 23 DG  B "C1'" 1 
ATOM   474 N N9    . DG  B 1 11 ? 5.698   0.514   3.679   1.00 10.36 ? 23 DG  B N9    1 
ATOM   475 C C8    . DG  B 1 11 ? 4.964   -0.497  4.256   1.00 9.40  ? 23 DG  B C8    1 
ATOM   476 N N7    . DG  B 1 11 ? 3.921   -0.846  3.559   1.00 8.55  ? 23 DG  B N7    1 
ATOM   477 C C5    . DG  B 1 11 ? 3.973   -0.017  2.449   1.00 8.68  ? 23 DG  B C5    1 
ATOM   478 C C6    . DG  B 1 11 ? 3.105   0.073   1.340   1.00 7.81  ? 23 DG  B C6    1 
ATOM   479 O O6    . DG  B 1 11 ? 2.106   -0.603  1.156   1.00 11.36 ? 23 DG  B O6    1 
ATOM   480 N N1    . DG  B 1 11 ? 3.464   1.041   0.390   1.00 7.91  ? 23 DG  B N1    1 
ATOM   481 C C2    . DG  B 1 11 ? 4.570   1.848   0.516   1.00 5.92  ? 23 DG  B C2    1 
ATOM   482 N N2    . DG  B 1 11 ? 4.788   2.719   -0.463  1.00 6.81  ? 23 DG  B N2    1 
ATOM   483 N N3    . DG  B 1 11 ? 5.401   1.795   1.554   1.00 7.96  ? 23 DG  B N3    1 
ATOM   484 C C4    . DG  B 1 11 ? 5.057   0.841   2.492   1.00 9.76  ? 23 DG  B C4    1 
ATOM   485 P P     . DG  B 1 12 ? 10.821  1.111   5.090   1.00 13.80 ? 24 DG  B P     1 
ATOM   486 O OP1   . DG  B 1 12 ? 11.464  1.338   6.420   1.00 13.38 ? 24 DG  B OP1   1 
ATOM   487 O OP2   . DG  B 1 12 ? 11.567  1.209   3.815   1.00 10.43 ? 24 DG  B OP2   1 
ATOM   488 O "O5'" . DG  B 1 12 ? 10.204  -0.367  5.094   1.00 12.55 ? 24 DG  B "O5'" 1 
ATOM   489 C "C5'" . DG  B 1 12 ? 9.431   -0.914  6.154   1.00 9.70  ? 24 DG  B "C5'" 1 
ATOM   490 C "C4'" . DG  B 1 12 ? 9.015   -2.288  5.713   1.00 8.32  ? 24 DG  B "C4'" 1 
ATOM   491 O "O4'" . DG  B 1 12 ? 8.035   -2.145  4.662   1.00 8.37  ? 24 DG  B "O4'" 1 
ATOM   492 C "C3'" . DG  B 1 12 ? 10.129  -3.126  5.078   1.00 7.90  ? 24 DG  B "C3'" 1 
ATOM   493 O "O3'" . DG  B 1 12 ? 10.199  -4.327  5.784   1.00 8.82  ? 24 DG  B "O3'" 1 
ATOM   494 C "C2'" . DG  B 1 12 ? 9.684   -3.367  3.631   1.00 7.35  ? 24 DG  B "C2'" 1 
ATOM   495 C "C1'" . DG  B 1 12 ? 8.174   -3.230  3.760   1.00 6.98  ? 24 DG  B "C1'" 1 
ATOM   496 N N9    . DG  B 1 12 ? 7.433   -2.849  2.562   1.00 6.69  ? 24 DG  B N9    1 
ATOM   497 C C8    . DG  B 1 12 ? 7.718   -1.787  1.741   1.00 6.06  ? 24 DG  B C8    1 
ATOM   498 N N7    . DG  B 1 12 ? 6.894   -1.637  0.762   1.00 4.66  ? 24 DG  B N7    1 
ATOM   499 C C5    . DG  B 1 12 ? 5.983   -2.653  0.966   1.00 4.62  ? 24 DG  B C5    1 
ATOM   500 C C6    . DG  B 1 12 ? 4.859   -2.977  0.191   1.00 6.42  ? 24 DG  B C6    1 
ATOM   501 O O6    . DG  B 1 12 ? 4.465   -2.398  -0.833  1.00 9.10  ? 24 DG  B O6    1 
ATOM   502 N N1    . DG  B 1 12 ? 4.184   -4.088  0.684   1.00 6.39  ? 24 DG  B N1    1 
ATOM   503 C C2    . DG  B 1 12 ? 4.558   -4.813  1.797   1.00 5.98  ? 24 DG  B C2    1 
ATOM   504 N N2    . DG  B 1 12 ? 3.778   -5.857  2.102   1.00 6.77  ? 24 DG  B N2    1 
ATOM   505 N N3    . DG  B 1 12 ? 5.610   -4.514  2.547   1.00 4.82  ? 24 DG  B N3    1 
ATOM   506 C C4    . DG  B 1 12 ? 6.282   -3.423  2.062   1.00 5.99  ? 24 DG  B C4    1 
HETATM 507 K K     . K   C 2 .  ? -2.543  2.359   1.509   1.00 16.82 ? 26 K   A K     1 
HETATM 508 K K     . K   D 2 .  ? -0.436  0.185   0.154   1.00 11.69 ? 27 K   A K     1 
HETATM 509 K K     . K   E 2 .  ? 1.869   -2.191  -1.585  1.00 14.11 ? 28 K   A K     1 
HETATM 510 O O39   . NCI F 3 .  ? 6.967   -6.171  -0.039  1.00 17.43 ? 29 NCI A O39   1 
HETATM 511 C C9    . NCI F 3 .  ? 7.960   -5.875  0.596   1.00 15.17 ? 29 NCI A C9    1 
HETATM 512 C C10   . NCI F 3 .  ? 8.396   -6.710  1.786   1.00 15.76 ? 29 NCI A C10   1 
HETATM 513 C C13   . NCI F 3 .  ? 7.229   -7.454  2.427   1.00 18.29 ? 29 NCI A C13   1 
HETATM 514 N N16   . NCI F 3 .  ? 7.668   -8.586  3.254   1.00 19.96 ? 29 NCI A N16   1 
HETATM 515 C C18   . NCI F 3 .  ? 7.579   -8.322  4.710   1.00 20.58 ? 29 NCI A C18   1 
HETATM 516 C C20   . NCI F 3 .  ? 8.446   -7.128  5.080   1.00 21.16 ? 29 NCI A C20   1 
HETATM 517 C C23   . NCI F 3 .  ? 9.536   -7.571  6.042   1.00 20.78 ? 29 NCI A C23   1 
HETATM 518 C C27   . NCI F 3 .  ? 8.163   -9.507  5.486   1.00 19.48 ? 29 NCI A C27   1 
HETATM 519 C C30   . NCI F 3 .  ? 7.497   -10.823 5.135   1.00 20.26 ? 29 NCI A C30   1 
HETATM 520 C C33   . NCI F 3 .  ? 7.565   -11.036 3.632   1.00 20.32 ? 29 NCI A C33   1 
HETATM 521 C C36   . NCI F 3 .  ? 6.986   -9.837  2.883   1.00 20.20 ? 29 NCI A C36   1 
HETATM 522 N N7    . NCI F 3 .  ? 8.714   -4.808  0.304   1.00 13.18 ? 29 NCI A N7    1 
HETATM 523 C C6    . NCI F 3 .  ? 8.589   -3.912  -0.778  1.00 12.43 ? 29 NCI A C6    1 
HETATM 524 C C40   . NCI F 3 .  ? 9.536   -2.882  -0.883  1.00 12.73 ? 29 NCI A C40   1 
HETATM 525 C C42   . NCI F 3 .  ? 9.516   -1.993  -1.958  1.00 12.66 ? 29 NCI A C42   1 
HETATM 526 C C4    . NCI F 3 .  ? 7.630   -4.065  -1.783  1.00 11.95 ? 29 NCI A C4    1 
HETATM 527 C C3    . NCI F 3 .  ? 7.599   -3.178  -2.863  1.00 12.88 ? 29 NCI A C3    1 
HETATM 528 N N1    . NCI F 3 .  ? 6.650   -3.320  -3.828  1.00 12.14 ? 29 NCI A N1    1 
HETATM 529 C C44   . NCI F 3 .  ? 8.550   -2.144  -2.952  1.00 12.92 ? 29 NCI A C44   1 
HETATM 530 C C45   . NCI F 3 .  ? 8.519   -1.266  -4.032  1.00 13.01 ? 29 NCI A C45   1 
HETATM 531 C C2    . NCI F 3 .  ? 7.541   -1.423  -5.006  1.00 13.63 ? 29 NCI A C2    1 
HETATM 532 C C47   . NCI F 3 .  ? 7.489   -0.548  -6.091  1.00 12.53 ? 29 NCI A C47   1 
HETATM 533 C C49   . NCI F 3 .  ? 6.500   -0.743  -7.061  1.00 12.96 ? 29 NCI A C49   1 
HETATM 534 C C51   . NCI F 3 .  ? 5.547   -1.776  -6.955  1.00 13.01 ? 29 NCI A C51   1 
HETATM 535 C C85   . NCI F 3 .  ? 5.614   -2.652  -5.865  1.00 12.83 ? 29 NCI A C85   1 
HETATM 536 C C87   . NCI F 3 .  ? 6.601   -2.474  -4.887  1.00 13.41 ? 29 NCI A C87   1 
HETATM 537 N N52   . NCI F 3 .  ? 4.608   -1.944  -8.009  1.00 13.55 ? 29 NCI A N52   1 
HETATM 538 C C54   . NCI F 3 .  ? 3.611   -2.844  -8.086  1.00 16.46 ? 29 NCI A C54   1 
HETATM 539 O O84   . NCI F 3 .  ? 3.299   -3.606  -7.180  1.00 15.67 ? 29 NCI A O84   1 
HETATM 540 C C55   . NCI F 3 .  ? 2.817   -2.852  -9.381  1.00 17.43 ? 29 NCI A C55   1 
HETATM 541 C C58   . NCI F 3 .  ? 1.711   -3.922  -9.364  1.00 19.32 ? 29 NCI A C58   1 
HETATM 542 N N61   . NCI F 3 .  ? 1.751   -4.762  -10.577 1.00 21.78 ? 29 NCI A N61   1 
HETATM 543 C C63   . NCI F 3 .  ? 0.526   -5.578  -10.732 1.00 22.51 ? 29 NCI A C63   1 
HETATM 544 C C77   . NCI F 3 .  ? 0.288   -6.359  -9.446  1.00 22.51 ? 29 NCI A C77   1 
HETATM 545 C C80   . NCI F 3 .  ? -1.179  -6.663  -9.201  1.00 23.71 ? 29 NCI A C80   1 
HETATM 546 C C66   . NCI F 3 .  ? 0.773   -6.627  -11.818 1.00 23.51 ? 29 NCI A C66   1 
HETATM 547 C C69   . NCI F 3 .  ? 1.180   -5.971  -13.128 1.00 23.64 ? 29 NCI A C69   1 
HETATM 548 C C72   . NCI F 3 .  ? 2.467   -5.187  -12.902 1.00 23.26 ? 29 NCI A C72   1 
HETATM 549 C C75   . NCI F 3 .  ? 2.208   -4.134  -11.824 1.00 22.44 ? 29 NCI A C75   1 
HETATM 550 K K     . K   G 2 .  ? -4.688  4.443   3.092   1.00 13.81 ? 25 K   B K     1 
HETATM 551 O O     . HOH H 4 .  ? 6.223   -8.751  -6.030  1.00 16.08 ? 30 HOH A O     1 
HETATM 552 O O     . HOH H 4 .  ? -4.694  9.514   -4.137  1.00 9.58  ? 32 HOH A O     1 
HETATM 553 O O     . HOH H 4 .  ? 0.124   8.151   -3.390  1.00 8.07  ? 33 HOH A O     1 
HETATM 554 O O     . HOH H 4 .  ? 11.512  -4.717  1.418   1.00 16.44 ? 35 HOH A O     1 
HETATM 555 O O     . HOH H 4 .  ? 1.111   3.051   -8.070  1.00 11.23 ? 36 HOH A O     1 
HETATM 556 O O     . HOH H 4 .  ? 12.253  -4.896  -1.427  1.00 11.39 ? 37 HOH A O     1 
HETATM 557 O O     . HOH H 4 .  ? -10.662 0.583   -1.254  1.00 15.69 ? 38 HOH A O     1 
HETATM 558 O O     . HOH H 4 .  ? 0.678   -0.718  14.603  1.00 18.83 ? 39 HOH A O     1 
HETATM 559 O O     . HOH H 4 .  ? 4.544   -4.741  5.709   1.00 23.56 ? 40 HOH A O     1 
HETATM 560 O O     . HOH H 4 .  ? 3.328   -9.208  -11.750 1.00 16.94 ? 41 HOH A O     1 
HETATM 561 O O     . HOH H 4 .  ? 3.313   -14.000 -5.191  1.00 12.37 ? 42 HOH A O     1 
HETATM 562 O O     . HOH H 4 .  ? 6.604   9.982   -4.177  1.00 16.25 ? 43 HOH A O     1 
HETATM 563 O O     . HOH H 4 .  ? 6.099   -0.843  -10.415 1.00 22.72 ? 44 HOH A O     1 
HETATM 564 O O     . HOH H 4 .  ? -2.244  -3.738  7.925   1.00 18.41 ? 45 HOH A O     1 
HETATM 565 O O     . HOH H 4 .  ? -4.761  -4.680  7.221   1.00 19.03 ? 46 HOH A O     1 
HETATM 566 O O     . HOH H 4 .  ? 4.203   4.727   8.754   1.00 22.43 ? 47 HOH A O     1 
HETATM 567 O O     . HOH H 4 .  ? 2.518   10.275  -5.140  1.00 33.56 ? 48 HOH A O     1 
HETATM 568 O O     . HOH H 4 .  ? 2.913   -5.297  12.554  1.00 24.80 ? 49 HOH A O     1 
HETATM 569 O O     . HOH H 4 .  ? 3.062   2.090   -9.306  1.00 25.20 ? 51 HOH A O     1 
HETATM 570 O O     . HOH H 4 .  ? -1.983  10.915  -7.256  1.00 23.65 ? 52 HOH A O     1 
HETATM 571 O O     . HOH H 4 .  ? -5.762  -6.256  -0.250  1.00 17.16 ? 53 HOH A O     1 
HETATM 572 O O     . HOH H 4 .  ? -3.373  -5.625  4.966   1.00 14.28 ? 54 HOH A O     1 
HETATM 573 O O     . HOH H 4 .  ? 8.792   -9.265  -6.521  1.00 22.66 ? 55 HOH A O     1 
HETATM 574 O O     . HOH H 4 .  ? 6.111   -3.918  -11.720 1.00 28.23 ? 56 HOH A O     1 
HETATM 575 O O     . HOH H 4 .  ? -3.669  -5.191  13.525  1.00 25.69 ? 57 HOH A O     1 
HETATM 576 O O     . HOH H 4 .  ? 6.046   -6.661  -12.128 1.00 19.09 ? 58 HOH A O     1 
HETATM 577 O O     . HOH H 4 .  ? 12.881  -1.964  -2.224  1.00 26.19 ? 59 HOH A O     1 
HETATM 578 O O     . HOH H 4 .  ? 8.944   8.081   -2.198  1.00 21.81 ? 60 HOH A O     1 
HETATM 579 O O     . HOH H 4 .  ? -5.074  -14.759 -0.858  1.00 18.94 ? 61 HOH A O     1 
HETATM 580 O O     . HOH H 4 .  ? 4.911   10.964  -6.169  1.00 23.92 ? 62 HOH A O     1 
HETATM 581 O O     . HOH H 4 .  ? -3.240  -1.762  9.453   1.00 13.63 ? 63 HOH A O     1 
HETATM 582 O O     . HOH H 4 .  ? -5.329  -6.428  2.635   1.00 8.80  ? 64 HOH A O     1 
HETATM 583 O O     . HOH H 4 .  ? -4.128  -9.111  3.414   1.00 13.61 ? 65 HOH A O     1 
HETATM 584 O O     . HOH H 4 .  ? 5.311   -3.747  11.865  1.00 23.98 ? 66 HOH A O     1 
HETATM 585 O O     . HOH H 4 .  ? -4.912  -2.491  12.363  1.00 24.59 ? 67 HOH A O     1 
HETATM 586 O O     . HOH H 4 .  ? 8.523   -6.850  -11.101 1.00 33.24 ? 68 HOH A O     1 
HETATM 587 O O     . HOH I 4 .  ? 4.371   0.349   7.686   1.00 14.00 ? 31 HOH B O     1 
HETATM 588 O O     . HOH I 4 .  ? -4.436  -6.529  -6.761  1.00 16.21 ? 32 HOH B O     1 
HETATM 589 O O     . HOH I 4 .  ? 5.885   -2.171  7.692   1.00 25.80 ? 33 HOH B O     1 
HETATM 590 O O     . HOH I 4 .  ? 2.170   8.883   8.191   1.00 11.08 ? 34 HOH B O     1 
HETATM 591 O O     . HOH I 4 .  ? 10.631  -0.427  1.348   1.00 11.98 ? 35 HOH B O     1 
HETATM 592 O O     . HOH I 4 .  ? -12.181 -0.694  1.001   1.00 16.82 ? 36 HOH B O     1 
HETATM 593 O O     . HOH I 4 .  ? -8.443  -0.216  -3.277  1.00 14.60 ? 37 HOH B O     1 
HETATM 594 O O     . HOH I 4 .  ? 4.898   7.082   -2.761  1.00 7.72  ? 38 HOH B O     1 
HETATM 595 O O     . HOH I 4 .  ? -5.020  1.057   -7.644  1.00 15.99 ? 39 HOH B O     1 
HETATM 596 O O     . HOH I 4 .  ? -8.871  10.584  10.216  1.00 23.99 ? 40 HOH B O     1 
HETATM 597 O O     . HOH I 4 .  ? -11.587 6.208   9.851   1.00 16.24 ? 41 HOH B O     1 
HETATM 598 O O     . HOH I 4 .  ? 4.274   -8.009  3.854   1.00 28.68 ? 42 HOH B O     1 
HETATM 599 O O     . HOH I 4 .  ? -2.679  13.180  6.279   1.00 21.75 ? 43 HOH B O     1 
HETATM 600 O O     . HOH I 4 .  ? -8.086  0.750   12.582  1.00 24.10 ? 44 HOH B O     1 
HETATM 601 O O     . HOH I 4 .  ? -7.068  5.769   1.644   1.00 11.61 ? 45 HOH B O     1 
HETATM 602 O O     . HOH I 4 .  ? -5.599  -5.875  -3.607  1.00 15.97 ? 46 HOH B O     1 
HETATM 603 O O     . HOH I 4 .  ? 7.345   3.911   -0.917  1.00 19.60 ? 47 HOH B O     1 
HETATM 604 O O     . HOH I 4 .  ? -13.515 -5.556  6.001   1.00 19.92 ? 48 HOH B O     1 
HETATM 605 O O     . HOH I 4 .  ? -8.917  6.269   -0.129  1.00 12.48 ? 49 HOH B O     1 
HETATM 606 O O     . HOH I 4 .  ? 3.783   6.109   5.039   1.00 12.28 ? 50 HOH B O     1 
HETATM 607 O O     . HOH I 4 .  ? -5.152  7.199   2.806   1.00 14.64 ? 51 HOH B O     1 
HETATM 608 O O     . HOH I 4 .  ? -2.324  4.442   12.491  1.00 23.47 ? 52 HOH B O     1 
HETATM 609 O O     . HOH I 4 .  ? -9.629  -4.381  9.271   1.00 33.88 ? 53 HOH B O     1 
HETATM 610 O O     . HOH I 4 .  ? -10.680 7.850   11.586  1.00 26.33 ? 54 HOH B O     1 
HETATM 611 O O     . HOH I 4 .  ? 9.267   5.917   -1.432  1.00 24.54 ? 55 HOH B O     1 
HETATM 612 O O     . HOH I 4 .  ? 11.209  3.873   -1.304  1.00 19.96 ? 56 HOH B O     1 
HETATM 613 O O     . HOH I 4 .  ? -14.699 -0.239  5.079   1.00 25.99 ? 57 HOH B O     1 
HETATM 614 O O     . HOH I 4 .  ? -1.009  6.441   13.848  1.00 15.23 ? 58 HOH B O     1 
HETATM 615 O O     . HOH I 4 .  ? -5.436  14.244  7.537   1.00 22.66 ? 59 HOH B O     1 
HETATM 616 O O     . HOH I 4 .  ? -13.002 1.781   6.433   1.00 14.78 ? 60 HOH B O     1 
# 
loop_
_pdbx_poly_seq_scheme.asym_id 
_pdbx_poly_seq_scheme.entity_id 
_pdbx_poly_seq_scheme.seq_id 
_pdbx_poly_seq_scheme.mon_id 
_pdbx_poly_seq_scheme.ndb_seq_num 
_pdbx_poly_seq_scheme.pdb_seq_num 
_pdbx_poly_seq_scheme.auth_seq_num 
_pdbx_poly_seq_scheme.pdb_mon_id 
_pdbx_poly_seq_scheme.auth_mon_id 
_pdbx_poly_seq_scheme.pdb_strand_id 
_pdbx_poly_seq_scheme.pdb_ins_code 
_pdbx_poly_seq_scheme.hetero 
A 1 1  DG 1  1  1  DG G A . n 
A 1 2  DG 2  2  2  DG G A . n 
A 1 3  DG 3  3  3  DG G A . n 
A 1 4  DG 4  4  4  DG G A . n 
A 1 5  DT 5  5  5  DT T A . n 
A 1 6  DT 6  6  6  DT T A . n 
A 1 7  DT 7  7  7  DT T A . n 
A 1 8  DT 8  8  8  DT T A . n 
A 1 9  DG 9  9  9  DG G A . n 
A 1 10 DG 10 10 10 DG G A . n 
A 1 11 DG 11 11 11 DG G A . n 
A 1 12 DG 12 12 12 DG G A . n 
B 1 1  DG 1  13 13 DG G B . n 
B 1 2  DG 2  14 14 DG G B . n 
B 1 3  DG 3  15 15 DG G B . n 
B 1 4  DG 4  16 16 DG G B . n 
B 1 5  DT 5  17 17 DT T B . n 
B 1 6  DT 6  18 18 DT T B . n 
B 1 7  DT 7  19 19 DT T B . n 
B 1 8  DT 8  20 20 DT T B . n 
B 1 9  DG 9  21 21 DG G B . n 
B 1 10 DG 10 22 22 DG G B . n 
B 1 11 DG 11 23 23 DG G B . n 
B 1 12 DG 12 24 24 DG G B . n 
# 
loop_
_pdbx_nonpoly_scheme.asym_id 
_pdbx_nonpoly_scheme.entity_id 
_pdbx_nonpoly_scheme.mon_id 
_pdbx_nonpoly_scheme.ndb_seq_num 
_pdbx_nonpoly_scheme.pdb_seq_num 
_pdbx_nonpoly_scheme.auth_seq_num 
_pdbx_nonpoly_scheme.pdb_mon_id 
_pdbx_nonpoly_scheme.auth_mon_id 
_pdbx_nonpoly_scheme.pdb_strand_id 
_pdbx_nonpoly_scheme.pdb_ins_code 
C 2 K   1  26 26 K   K   A . 
D 2 K   1  27 27 K   K   A . 
E 2 K   1  28 28 K   K   A . 
F 3 NCI 1  29 29 NCI NCI A . 
G 2 K   1  25 25 K   K   B . 
H 4 HOH 1  30 1  HOH HOH A . 
H 4 HOH 2  32 6  HOH HOH A . 
H 4 HOH 3  33 8  HOH HOH A . 
H 4 HOH 4  35 13 HOH HOH A . 
H 4 HOH 5  36 14 HOH HOH A . 
H 4 HOH 6  37 16 HOH HOH A . 
H 4 HOH 7  38 17 HOH HOH A . 
H 4 HOH 8  39 20 HOH HOH A . 
H 4 HOH 9  40 25 HOH HOH A . 
H 4 HOH 10 41 26 HOH HOH A . 
H 4 HOH 11 42 28 HOH HOH A . 
H 4 HOH 12 43 29 HOH HOH A . 
H 4 HOH 13 44 30 HOH HOH A . 
H 4 HOH 14 45 33 HOH HOH A . 
H 4 HOH 15 46 35 HOH HOH A . 
H 4 HOH 16 47 36 HOH HOH A . 
H 4 HOH 17 48 38 HOH HOH A . 
H 4 HOH 18 49 39 HOH HOH A . 
H 4 HOH 19 51 41 HOH HOH A . 
H 4 HOH 20 52 42 HOH HOH A . 
H 4 HOH 21 53 43 HOH HOH A . 
H 4 HOH 22 54 44 HOH HOH A . 
H 4 HOH 23 55 45 HOH HOH A . 
H 4 HOH 24 56 47 HOH HOH A . 
H 4 HOH 25 57 49 HOH HOH A . 
H 4 HOH 26 58 50 HOH HOH A . 
H 4 HOH 27 59 53 HOH HOH A . 
H 4 HOH 28 60 55 HOH HOH A . 
H 4 HOH 29 61 56 HOH HOH A . 
H 4 HOH 30 62 57 HOH HOH A . 
H 4 HOH 31 63 58 HOH HOH A . 
H 4 HOH 32 64 60 HOH HOH A . 
H 4 HOH 33 65 61 HOH HOH A . 
H 4 HOH 34 66 64 HOH HOH A . 
H 4 HOH 35 67 65 HOH HOH A . 
H 4 HOH 36 68 66 HOH HOH A . 
I 4 HOH 1  31 4  HOH HOH B . 
I 4 HOH 2  32 9  HOH HOH B . 
I 4 HOH 3  33 40 HOH HOH B . 
I 4 HOH 4  34 2  HOH HOH B . 
I 4 HOH 5  35 3  HOH HOH B . 
I 4 HOH 6  36 5  HOH HOH B . 
I 4 HOH 7  37 7  HOH HOH B . 
I 4 HOH 8  38 10 HOH HOH B . 
I 4 HOH 9  39 11 HOH HOH B . 
I 4 HOH 10 40 12 HOH HOH B . 
I 4 HOH 11 41 15 HOH HOH B . 
I 4 HOH 12 42 18 HOH HOH B . 
I 4 HOH 13 43 19 HOH HOH B . 
I 4 HOH 14 44 21 HOH HOH B . 
I 4 HOH 15 45 22 HOH HOH B . 
I 4 HOH 16 46 23 HOH HOH B . 
I 4 HOH 17 47 24 HOH HOH B . 
I 4 HOH 18 48 27 HOH HOH B . 
I 4 HOH 19 49 31 HOH HOH B . 
I 4 HOH 20 50 32 HOH HOH B . 
I 4 HOH 21 51 34 HOH HOH B . 
I 4 HOH 22 52 37 HOH HOH B . 
I 4 HOH 23 53 46 HOH HOH B . 
I 4 HOH 24 54 48 HOH HOH B . 
I 4 HOH 25 55 51 HOH HOH B . 
I 4 HOH 26 56 52 HOH HOH B . 
I 4 HOH 27 57 54 HOH HOH B . 
I 4 HOH 28 58 59 HOH HOH B . 
I 4 HOH 29 59 62 HOH HOH B . 
I 4 HOH 30 60 63 HOH HOH B . 
# 
_pdbx_struct_assembly.id                   1 
_pdbx_struct_assembly.details              author_and_software_defined_assembly 
_pdbx_struct_assembly.method_details       PISA 
_pdbx_struct_assembly.oligomeric_details   dimeric 
_pdbx_struct_assembly.oligomeric_count     2 
# 
_pdbx_struct_assembly_gen.assembly_id       1 
_pdbx_struct_assembly_gen.oper_expression   1 
_pdbx_struct_assembly_gen.asym_id_list      A,B,C,D,E,F,G,H,I 
# 
loop_
_pdbx_struct_assembly_prop.biol_id 
_pdbx_struct_assembly_prop.type 
_pdbx_struct_assembly_prop.value 
_pdbx_struct_assembly_prop.details 
1 'ABSA (A^2)' 1810 ? 
1 MORE         6.3  ? 
1 'SSA (A^2)'  4130 ? 
# 
_pdbx_struct_oper_list.id                   1 
_pdbx_struct_oper_list.type                 'identity operation' 
_pdbx_struct_oper_list.name                 1_555 
_pdbx_struct_oper_list.symmetry_operation   x,y,z 
_pdbx_struct_oper_list.matrix[1][1]         1.0000000000 
_pdbx_struct_oper_list.matrix[1][2]         0.0000000000 
_pdbx_struct_oper_list.matrix[1][3]         0.0000000000 
_pdbx_struct_oper_list.vector[1]            0.0000000000 
_pdbx_struct_oper_list.matrix[2][1]         0.0000000000 
_pdbx_struct_oper_list.matrix[2][2]         1.0000000000 
_pdbx_struct_oper_list.matrix[2][3]         0.0000000000 
_pdbx_struct_oper_list.vector[2]            0.0000000000 
_pdbx_struct_oper_list.matrix[3][1]         0.0000000000 
_pdbx_struct_oper_list.matrix[3][2]         0.0000000000 
_pdbx_struct_oper_list.matrix[3][3]         1.0000000000 
_pdbx_struct_oper_list.vector[3]            0.0000000000 
# 
loop_
_pdbx_struct_conn_angle.id 
_pdbx_struct_conn_angle.ptnr1_label_atom_id 
_pdbx_struct_conn_angle.ptnr1_label_alt_id 
_pdbx_struct_conn_angle.ptnr1_label_asym_id 
_pdbx_struct_conn_angle.ptnr1_label_comp_id 
_pdbx_struct_conn_angle.ptnr1_label_seq_id 
_pdbx_struct_conn_angle.ptnr1_auth_atom_id 
_pdbx_struct_conn_angle.ptnr1_auth_asym_id 
_pdbx_struct_conn_angle.ptnr1_auth_comp_id 
_pdbx_struct_conn_angle.ptnr1_auth_seq_id 
_pdbx_struct_conn_angle.ptnr1_PDB_ins_code 
_pdbx_struct_conn_angle.ptnr1_symmetry 
_pdbx_struct_conn_angle.ptnr2_label_atom_id 
_pdbx_struct_conn_angle.ptnr2_label_alt_id 
_pdbx_struct_conn_angle.ptnr2_label_asym_id 
_pdbx_struct_conn_angle.ptnr2_label_comp_id 
_pdbx_struct_conn_angle.ptnr2_label_seq_id 
_pdbx_struct_conn_angle.ptnr2_auth_atom_id 
_pdbx_struct_conn_angle.ptnr2_auth_asym_id 
_pdbx_struct_conn_angle.ptnr2_auth_comp_id 
_pdbx_struct_conn_angle.ptnr2_auth_seq_id 
_pdbx_struct_conn_angle.ptnr2_PDB_ins_code 
_pdbx_struct_conn_angle.ptnr2_symmetry 
_pdbx_struct_conn_angle.ptnr3_label_atom_id 
_pdbx_struct_conn_angle.ptnr3_label_alt_id 
_pdbx_struct_conn_angle.ptnr3_label_asym_id 
_pdbx_struct_conn_angle.ptnr3_label_comp_id 
_pdbx_struct_conn_angle.ptnr3_label_seq_id 
_pdbx_struct_conn_angle.ptnr3_auth_atom_id 
_pdbx_struct_conn_angle.ptnr3_auth_asym_id 
_pdbx_struct_conn_angle.ptnr3_auth_comp_id 
_pdbx_struct_conn_angle.ptnr3_auth_seq_id 
_pdbx_struct_conn_angle.ptnr3_PDB_ins_code 
_pdbx_struct_conn_angle.ptnr3_symmetry 
_pdbx_struct_conn_angle.value 
_pdbx_struct_conn_angle.value_esd 
1  O6 ? A DG 1  ? A DG 1  ? 1_555 K ? C K . ? A K 26 ? 1_555 O6 ? A DG  12 ? A DG  12 ? 1_555 117.4 ? 
2  O6 ? A DG 1  ? A DG 1  ? 1_555 K ? C K . ? A K 26 ? 1_555 O6 ? B DG  3  ? B DG  15 ? 1_555 100.7 ? 
3  O6 ? A DG 12 ? A DG 12 ? 1_555 K ? C K . ? A K 26 ? 1_555 O6 ? B DG  3  ? B DG  15 ? 1_555 117.4 ? 
4  O6 ? A DG 1  ? A DG 1  ? 1_555 K ? C K . ? A K 26 ? 1_555 O6 ? B DG  4  ? B DG  16 ? 1_555 73.7  ? 
5  O6 ? A DG 12 ? A DG 12 ? 1_555 K ? C K . ? A K 26 ? 1_555 O6 ? B DG  4  ? B DG  16 ? 1_555 73.8  ? 
6  O6 ? B DG 3  ? B DG 15 ? 1_555 K ? C K . ? A K 26 ? 1_555 O6 ? B DG  4  ? B DG  16 ? 1_555 71.8  ? 
7  O6 ? A DG 1  ? A DG 1  ? 1_555 K ? C K . ? A K 26 ? 1_555 O6 ? B DG  9  ? B DG  21 ? 1_555 72.4  ? 
8  O6 ? A DG 12 ? A DG 12 ? 1_555 K ? C K . ? A K 26 ? 1_555 O6 ? B DG  9  ? B DG  21 ? 1_555 72.4  ? 
9  O6 ? B DG 3  ? B DG 15 ? 1_555 K ? C K . ? A K 26 ? 1_555 O6 ? B DG  9  ? B DG  21 ? 1_555 170.2 ? 
10 O6 ? B DG 4  ? B DG 16 ? 1_555 K ? C K . ? A K 26 ? 1_555 O6 ? B DG  9  ? B DG  21 ? 1_555 111.9 ? 
11 O6 ? A DG 1  ? A DG 1  ? 1_555 K ? C K . ? A K 26 ? 1_555 O6 ? B DG  10 ? B DG  22 ? 1_555 112.1 ? 
12 O6 ? A DG 12 ? A DG 12 ? 1_555 K ? C K . ? A K 26 ? 1_555 O6 ? B DG  10 ? B DG  22 ? 1_555 105.8 ? 
13 O6 ? B DG 3  ? B DG 15 ? 1_555 K ? C K . ? A K 26 ? 1_555 O6 ? B DG  10 ? B DG  22 ? 1_555 102.8 ? 
14 O6 ? B DG 4  ? B DG 16 ? 1_555 K ? C K . ? A K 26 ? 1_555 O6 ? B DG  10 ? B DG  22 ? 1_555 173.0 ? 
15 O6 ? B DG 9  ? B DG 21 ? 1_555 K ? C K . ? A K 26 ? 1_555 O6 ? B DG  10 ? B DG  22 ? 1_555 74.3  ? 
16 O6 ? A DG 2  ? A DG 2  ? 1_555 K ? D K . ? A K 27 ? 1_555 O6 ? A DG  3  ? A DG  3  ? 1_555 95.1  ? 
17 O6 ? A DG 2  ? A DG 2  ? 1_555 K ? D K . ? A K 27 ? 1_555 O6 ? A DG  10 ? A DG  10 ? 1_555 130.0 ? 
18 O6 ? A DG 3  ? A DG 3  ? 1_555 K ? D K . ? A K 27 ? 1_555 O6 ? A DG  10 ? A DG  10 ? 1_555 104.6 ? 
19 O6 ? A DG 2  ? A DG 2  ? 1_555 K ? D K . ? A K 27 ? 1_555 O6 ? A DG  11 ? A DG  11 ? 1_555 115.8 ? 
20 O6 ? A DG 3  ? A DG 3  ? 1_555 K ? D K . ? A K 27 ? 1_555 O6 ? A DG  11 ? A DG  11 ? 1_555 124.4 ? 
21 O6 ? A DG 10 ? A DG 10 ? 1_555 K ? D K . ? A K 27 ? 1_555 O6 ? A DG  11 ? A DG  11 ? 1_555 89.9  ? 
22 O6 ? A DG 2  ? A DG 2  ? 1_555 K ? D K . ? A K 27 ? 1_555 O6 ? B DG  2  ? B DG  14 ? 1_555 160.8 ? 
23 O6 ? A DG 3  ? A DG 3  ? 1_555 K ? D K . ? A K 27 ? 1_555 O6 ? B DG  2  ? B DG  14 ? 1_555 69.6  ? 
24 O6 ? A DG 10 ? A DG 10 ? 1_555 K ? D K . ? A K 27 ? 1_555 O6 ? B DG  2  ? B DG  14 ? 1_555 67.1  ? 
25 O6 ? A DG 11 ? A DG 11 ? 1_555 K ? D K . ? A K 27 ? 1_555 O6 ? B DG  2  ? B DG  14 ? 1_555 67.8  ? 
26 O6 ? A DG 2  ? A DG 2  ? 1_555 K ? D K . ? A K 27 ? 1_555 O6 ? B DG  3  ? B DG  15 ? 1_555 76.1  ? 
27 O6 ? A DG 3  ? A DG 3  ? 1_555 K ? D K . ? A K 27 ? 1_555 O6 ? B DG  3  ? B DG  15 ? 1_555 76.4  ? 
28 O6 ? A DG 10 ? A DG 10 ? 1_555 K ? D K . ? A K 27 ? 1_555 O6 ? B DG  3  ? B DG  15 ? 1_555 152.8 ? 
29 O6 ? A DG 11 ? A DG 11 ? 1_555 K ? D K . ? A K 27 ? 1_555 O6 ? B DG  3  ? B DG  15 ? 1_555 68.7  ? 
30 O6 ? B DG 2  ? B DG 14 ? 1_555 K ? D K . ? A K 27 ? 1_555 O6 ? B DG  3  ? B DG  15 ? 1_555 88.7  ? 
31 O6 ? A DG 2  ? A DG 2  ? 1_555 K ? D K . ? A K 27 ? 1_555 O6 ? B DG  10 ? B DG  22 ? 1_555 69.4  ? 
32 O6 ? A DG 3  ? A DG 3  ? 1_555 K ? D K . ? A K 27 ? 1_555 O6 ? B DG  10 ? B DG  22 ? 1_555 159.1 ? 
33 O6 ? A DG 10 ? A DG 10 ? 1_555 K ? D K . ? A K 27 ? 1_555 O6 ? B DG  10 ? B DG  22 ? 1_555 77.3  ? 
34 O6 ? A DG 11 ? A DG 11 ? 1_555 K ? D K . ? A K 27 ? 1_555 O6 ? B DG  10 ? B DG  22 ? 1_555 76.1  ? 
35 O6 ? B DG 2  ? B DG 14 ? 1_555 K ? D K . ? A K 27 ? 1_555 O6 ? B DG  10 ? B DG  22 ? 1_555 128.2 ? 
36 O6 ? B DG 3  ? B DG 15 ? 1_555 K ? D K . ? A K 27 ? 1_555 O6 ? B DG  10 ? B DG  22 ? 1_555 111.6 ? 
37 O6 ? A DG 2  ? A DG 2  ? 1_555 K ? D K . ? A K 27 ? 1_555 O6 ? B DG  11 ? B DG  23 ? 1_555 73.2  ? 
38 O6 ? A DG 3  ? A DG 3  ? 1_555 K ? D K . ? A K 27 ? 1_555 O6 ? B DG  11 ? B DG  23 ? 1_555 69.8  ? 
39 O6 ? A DG 10 ? A DG 10 ? 1_555 K ? D K . ? A K 27 ? 1_555 O6 ? B DG  11 ? B DG  23 ? 1_555 71.6  ? 
40 O6 ? A DG 11 ? A DG 11 ? 1_555 K ? D K . ? A K 27 ? 1_555 O6 ? B DG  11 ? B DG  23 ? 1_555 159.9 ? 
41 O6 ? B DG 2  ? B DG 14 ? 1_555 K ? D K . ? A K 27 ? 1_555 O6 ? B DG  11 ? B DG  23 ? 1_555 110.1 ? 
42 O6 ? B DG 3  ? B DG 15 ? 1_555 K ? D K . ? A K 27 ? 1_555 O6 ? B DG  11 ? B DG  23 ? 1_555 131.4 ? 
43 O6 ? B DG 10 ? B DG 22 ? 1_555 K ? D K . ? A K 27 ? 1_555 O6 ? B DG  11 ? B DG  23 ? 1_555 91.7  ? 
44 O6 ? A DG 4  ? A DG 4  ? 1_555 K ? E K . ? A K 28 ? 1_555 O6 ? A DG  9  ? A DG  9  ? 1_555 122.4 ? 
45 O6 ? A DG 4  ? A DG 4  ? 1_555 K ? E K . ? A K 28 ? 1_555 O6 ? B DG  1  ? B DG  13 ? 1_555 71.2  ? 
46 O6 ? A DG 9  ? A DG 9  ? 1_555 K ? E K . ? A K 28 ? 1_555 O6 ? B DG  1  ? B DG  13 ? 1_555 79.2  ? 
47 O6 ? A DG 4  ? A DG 4  ? 1_555 K ? E K . ? A K 28 ? 1_555 O6 ? B DG  12 ? B DG  24 ? 1_555 83.7  ? 
48 O6 ? A DG 9  ? A DG 9  ? 1_555 K ? E K . ? A K 28 ? 1_555 O6 ? B DG  12 ? B DG  24 ? 1_555 69.4  ? 
49 O6 ? B DG 1  ? B DG 13 ? 1_555 K ? E K . ? A K 28 ? 1_555 O6 ? B DG  12 ? B DG  24 ? 1_555 119.4 ? 
50 O6 ? B DG 4  ? B DG 16 ? 1_555 K ? G K . ? B K 25 ? 1_555 O2 ? B DT  5  ? B DT  17 ? 1_555 75.2  ? 
51 O6 ? B DG 4  ? B DG 16 ? 1_555 K ? G K . ? B K 25 ? 1_555 O2 ? B DT  7  ? B DT  19 ? 1_555 127.2 ? 
52 O2 ? B DT 5  ? B DT 17 ? 1_555 K ? G K . ? B K 25 ? 1_555 O2 ? B DT  7  ? B DT  19 ? 1_555 72.6  ? 
53 O6 ? B DG 4  ? B DG 16 ? 1_555 K ? G K . ? B K 25 ? 1_555 O6 ? B DG  9  ? B DG  21 ? 1_555 102.0 ? 
54 O2 ? B DT 5  ? B DT 17 ? 1_555 K ? G K . ? B K 25 ? 1_555 O6 ? B DG  9  ? B DG  21 ? 1_555 157.7 ? 
55 O2 ? B DT 7  ? B DT 19 ? 1_555 K ? G K . ? B K 25 ? 1_555 O6 ? B DG  9  ? B DG  21 ? 1_555 93.0  ? 
56 O6 ? B DG 4  ? B DG 16 ? 1_555 K ? G K . ? B K 25 ? 1_555 O  ? I HOH .  ? B HOH 51 ? 1_555 148.4 ? 
57 O2 ? B DT 5  ? B DT 17 ? 1_555 K ? G K . ? B K 25 ? 1_555 O  ? I HOH .  ? B HOH 51 ? 1_555 106.0 ? 
58 O2 ? B DT 7  ? B DT 19 ? 1_555 K ? G K . ? B K 25 ? 1_555 O  ? I HOH .  ? B HOH 51 ? 1_555 81.4  ? 
59 O6 ? B DG 9  ? B DG 21 ? 1_555 K ? G K . ? B K 25 ? 1_555 O  ? I HOH .  ? B HOH 51 ? 1_555 88.0  ? 
# 
loop_
_pdbx_audit_revision_history.ordinal 
_pdbx_audit_revision_history.data_content_type 
_pdbx_audit_revision_history.major_revision 
_pdbx_audit_revision_history.minor_revision 
_pdbx_audit_revision_history.revision_date 
1 'Structure model' 1 0 2008-10-14 
2 'Structure model' 1 1 2011-07-13 
3 'Structure model' 1 2 2023-09-06 
# 
_pdbx_audit_revision_details.ordinal             1 
_pdbx_audit_revision_details.revision_ordinal    1 
_pdbx_audit_revision_details.data_content_type   'Structure model' 
_pdbx_audit_revision_details.provider            repository 
_pdbx_audit_revision_details.type                'Initial release' 
_pdbx_audit_revision_details.description         ? 
_pdbx_audit_revision_details.details             ? 
# 
loop_
_pdbx_audit_revision_group.ordinal 
_pdbx_audit_revision_group.revision_ordinal 
_pdbx_audit_revision_group.data_content_type 
_pdbx_audit_revision_group.group 
1 2 'Structure model' 'Version format compliance' 
2 3 'Structure model' 'Data collection'           
3 3 'Structure model' 'Database references'       
4 3 'Structure model' 'Derived calculations'      
5 3 'Structure model' 'Refinement description'    
# 
loop_
_pdbx_audit_revision_category.ordinal 
_pdbx_audit_revision_category.revision_ordinal 
_pdbx_audit_revision_category.data_content_type 
_pdbx_audit_revision_category.category 
1 3 'Structure model' chem_comp_atom                
2 3 'Structure model' chem_comp_bond                
3 3 'Structure model' database_2                    
4 3 'Structure model' pdbx_initial_refinement_model 
5 3 'Structure model' struct_conn                   
6 3 'Structure model' struct_site                   
# 
loop_
_pdbx_audit_revision_item.ordinal 
_pdbx_audit_revision_item.revision_ordinal 
_pdbx_audit_revision_item.data_content_type 
_pdbx_audit_revision_item.item 
1  3 'Structure model' '_database_2.pdbx_DOI'                
2  3 'Structure model' '_database_2.pdbx_database_accession' 
3  3 'Structure model' '_struct_conn.pdbx_dist_value'        
4  3 'Structure model' '_struct_conn.ptnr1_auth_asym_id'     
5  3 'Structure model' '_struct_conn.ptnr1_auth_comp_id'     
6  3 'Structure model' '_struct_conn.ptnr1_auth_seq_id'      
7  3 'Structure model' '_struct_conn.ptnr1_label_asym_id'    
8  3 'Structure model' '_struct_conn.ptnr1_label_atom_id'    
9  3 'Structure model' '_struct_conn.ptnr1_label_comp_id'    
10 3 'Structure model' '_struct_conn.ptnr1_label_seq_id'     
11 3 'Structure model' '_struct_conn.ptnr2_auth_asym_id'     
12 3 'Structure model' '_struct_conn.ptnr2_auth_comp_id'     
13 3 'Structure model' '_struct_conn.ptnr2_auth_seq_id'      
14 3 'Structure model' '_struct_conn.ptnr2_label_asym_id'    
15 3 'Structure model' '_struct_conn.ptnr2_label_atom_id'    
16 3 'Structure model' '_struct_conn.ptnr2_label_comp_id'    
17 3 'Structure model' '_struct_conn.ptnr2_label_seq_id'     
18 3 'Structure model' '_struct_site.pdbx_auth_asym_id'      
19 3 'Structure model' '_struct_site.pdbx_auth_comp_id'      
20 3 'Structure model' '_struct_site.pdbx_auth_seq_id'       
# 
loop_
_software.name 
_software.classification 
_software.version 
_software.citation_id 
_software.pdbx_ordinal 
CrystalClear 'data collection' .        ? 1 
PHASER       phasing           .        ? 2 
REFMAC       refinement        5.2.0019 ? 3 
d*TREK       'data reduction'  .        ? 4 
d*TREK       'data scaling'    .        ? 5 
# 
loop_
_pdbx_validate_rmsd_angle.id 
_pdbx_validate_rmsd_angle.PDB_model_num 
_pdbx_validate_rmsd_angle.auth_atom_id_1 
_pdbx_validate_rmsd_angle.auth_asym_id_1 
_pdbx_validate_rmsd_angle.auth_comp_id_1 
_pdbx_validate_rmsd_angle.auth_seq_id_1 
_pdbx_validate_rmsd_angle.PDB_ins_code_1 
_pdbx_validate_rmsd_angle.label_alt_id_1 
_pdbx_validate_rmsd_angle.auth_atom_id_2 
_pdbx_validate_rmsd_angle.auth_asym_id_2 
_pdbx_validate_rmsd_angle.auth_comp_id_2 
_pdbx_validate_rmsd_angle.auth_seq_id_2 
_pdbx_validate_rmsd_angle.PDB_ins_code_2 
_pdbx_validate_rmsd_angle.label_alt_id_2 
_pdbx_validate_rmsd_angle.auth_atom_id_3 
_pdbx_validate_rmsd_angle.auth_asym_id_3 
_pdbx_validate_rmsd_angle.auth_comp_id_3 
_pdbx_validate_rmsd_angle.auth_seq_id_3 
_pdbx_validate_rmsd_angle.PDB_ins_code_3 
_pdbx_validate_rmsd_angle.label_alt_id_3 
_pdbx_validate_rmsd_angle.angle_value 
_pdbx_validate_rmsd_angle.angle_target_value 
_pdbx_validate_rmsd_angle.angle_deviation 
_pdbx_validate_rmsd_angle.angle_standard_deviation 
_pdbx_validate_rmsd_angle.linker_flag 
1  1 C5    A DG 1  ? ? C6    A DG 1  ? ? N1    A DG 1  ? ? 115.29 111.50 3.79  0.50 N 
2  1 C5    A DG 2  ? ? C6    A DG 2  ? ? N1    A DG 2  ? ? 115.03 111.50 3.53  0.50 N 
3  1 "O4'" A DT 5  ? ? "C1'" A DT 5  ? ? N1    A DT 5  ? ? 110.23 108.30 1.93  0.30 N 
4  1 "O4'" A DT 6  ? ? "C1'" A DT 6  ? ? N1    A DT 6  ? ? 110.39 108.30 2.09  0.30 N 
5  1 "C3'" A DG 10 ? ? "C2'" A DG 10 ? ? "C1'" A DG 10 ? ? 96.68  102.40 -5.72 0.80 N 
6  1 "C3'" A DG 10 ? ? "O3'" A DG 10 ? ? P     A DG 11 ? ? 128.17 119.70 8.47  1.20 Y 
7  1 C5    A DG 11 ? ? C6    A DG 11 ? ? N1    A DG 11 ? ? 115.46 111.50 3.96  0.50 N 
8  1 N3    A DG 11 ? ? C4    A DG 11 ? ? N9    A DG 11 ? ? 129.98 126.00 3.98  0.60 N 
9  1 "C3'" A DG 11 ? ? "O3'" A DG 11 ? ? P     A DG 12 ? ? 128.53 119.70 8.83  1.20 Y 
10 1 "O4'" B DG 13 ? ? "C1'" B DG 13 ? ? N9    B DG 13 ? ? 111.67 108.30 3.37  0.30 N 
11 1 "C3'" B DG 14 ? ? "C2'" B DG 14 ? ? "C1'" B DG 14 ? ? 97.56  102.40 -4.84 0.80 N 
12 1 "O4'" B DG 14 ? ? "C1'" B DG 14 ? ? N9    B DG 14 ? ? 110.16 108.30 1.86  0.30 N 
13 1 "O4'" B DG 15 ? ? "C1'" B DG 15 ? ? N9    B DG 15 ? ? 103.16 108.00 -4.84 0.70 N 
14 1 C2    B DG 15 ? ? N3    B DG 15 ? ? C4    B DG 15 ? ? 114.91 111.90 3.01  0.50 N 
15 1 "O4'" B DG 16 ? ? "C1'" B DG 16 ? ? N9    B DG 16 ? ? 110.70 108.30 2.40  0.30 N 
16 1 "C3'" B DG 16 ? ? "O3'" B DG 16 ? ? P     B DT 17 ? ? 128.65 119.70 8.95  1.20 Y 
17 1 "O4'" B DT 17 ? ? "C4'" B DT 17 ? ? "C3'" B DT 17 ? ? 101.30 104.50 -3.20 0.40 N 
18 1 "O4'" B DT 17 ? ? "C1'" B DT 17 ? ? N1    B DT 17 ? ? 112.05 108.30 3.75  0.30 N 
19 1 "C3'" B DT 17 ? ? "O3'" B DT 17 ? ? P     B DT 18 ? ? 126.95 119.70 7.25  1.20 Y 
20 1 C5    B DG 23 ? ? C6    B DG 23 ? ? N1    B DG 23 ? ? 114.76 111.50 3.26  0.50 N 
# 
loop_
_chem_comp_atom.comp_id 
_chem_comp_atom.atom_id 
_chem_comp_atom.type_symbol 
_chem_comp_atom.pdbx_aromatic_flag 
_chem_comp_atom.pdbx_stereo_config 
_chem_comp_atom.pdbx_ordinal 
DG  OP3    O N N 1   
DG  P      P N N 2   
DG  OP1    O N N 3   
DG  OP2    O N N 4   
DG  "O5'"  O N N 5   
DG  "C5'"  C N N 6   
DG  "C4'"  C N R 7   
DG  "O4'"  O N N 8   
DG  "C3'"  C N S 9   
DG  "O3'"  O N N 10  
DG  "C2'"  C N N 11  
DG  "C1'"  C N R 12  
DG  N9     N Y N 13  
DG  C8     C Y N 14  
DG  N7     N Y N 15  
DG  C5     C Y N 16  
DG  C6     C N N 17  
DG  O6     O N N 18  
DG  N1     N N N 19  
DG  C2     C N N 20  
DG  N2     N N N 21  
DG  N3     N N N 22  
DG  C4     C Y N 23  
DG  HOP3   H N N 24  
DG  HOP2   H N N 25  
DG  "H5'"  H N N 26  
DG  "H5''" H N N 27  
DG  "H4'"  H N N 28  
DG  "H3'"  H N N 29  
DG  "HO3'" H N N 30  
DG  "H2'"  H N N 31  
DG  "H2''" H N N 32  
DG  "H1'"  H N N 33  
DG  H8     H N N 34  
DG  H1     H N N 35  
DG  H21    H N N 36  
DG  H22    H N N 37  
DT  OP3    O N N 38  
DT  P      P N N 39  
DT  OP1    O N N 40  
DT  OP2    O N N 41  
DT  "O5'"  O N N 42  
DT  "C5'"  C N N 43  
DT  "C4'"  C N R 44  
DT  "O4'"  O N N 45  
DT  "C3'"  C N S 46  
DT  "O3'"  O N N 47  
DT  "C2'"  C N N 48  
DT  "C1'"  C N R 49  
DT  N1     N N N 50  
DT  C2     C N N 51  
DT  O2     O N N 52  
DT  N3     N N N 53  
DT  C4     C N N 54  
DT  O4     O N N 55  
DT  C5     C N N 56  
DT  C7     C N N 57  
DT  C6     C N N 58  
DT  HOP3   H N N 59  
DT  HOP2   H N N 60  
DT  "H5'"  H N N 61  
DT  "H5''" H N N 62  
DT  "H4'"  H N N 63  
DT  "H3'"  H N N 64  
DT  "HO3'" H N N 65  
DT  "H2'"  H N N 66  
DT  "H2''" H N N 67  
DT  "H1'"  H N N 68  
DT  H3     H N N 69  
DT  H71    H N N 70  
DT  H72    H N N 71  
DT  H73    H N N 72  
DT  H6     H N N 73  
HOH O      O N N 74  
HOH H1     H N N 75  
HOH H2     H N N 76  
K   K      K N N 77  
NCI O39    O N N 78  
NCI C9     C N N 79  
NCI C10    C N N 80  
NCI C13    C N N 81  
NCI N16    N N N 82  
NCI C18    C N R 83  
NCI C20    C N N 84  
NCI C23    C N N 85  
NCI C27    C N N 86  
NCI C30    C N N 87  
NCI C33    C N N 88  
NCI C36    C N N 89  
NCI N7     N N N 90  
NCI C6     C Y N 91  
NCI C40    C Y N 92  
NCI C42    C Y N 93  
NCI C4     C Y N 94  
NCI C3     C Y N 95  
NCI N1     N Y N 96  
NCI C44    C Y N 97  
NCI C45    C Y N 98  
NCI C2     C Y N 99  
NCI C47    C Y N 100 
NCI C49    C Y N 101 
NCI C51    C Y N 102 
NCI C85    C Y N 103 
NCI C87    C Y N 104 
NCI N52    N N N 105 
NCI C54    C N N 106 
NCI O84    O N N 107 
NCI C55    C N N 108 
NCI C58    C N N 109 
NCI N61    N N N 110 
NCI C63    C N R 111 
NCI C77    C N N 112 
NCI C80    C N N 113 
NCI C66    C N N 114 
NCI C69    C N N 115 
NCI C72    C N N 116 
NCI C75    C N N 117 
NCI H10    H N N 118 
NCI H10A   H N N 119 
NCI H13    H N N 120 
NCI H13A   H N N 121 
NCI H18    H N N 122 
NCI H20    H N N 123 
NCI H20A   H N N 124 
NCI H23    H N N 125 
NCI H23A   H N N 126 
NCI H23B   H N N 127 
NCI H27    H N N 128 
NCI H27A   H N N 129 
NCI H30    H N N 130 
NCI H30A   H N N 131 
NCI H33    H N N 132 
NCI H33A   H N N 133 
NCI H36    H N N 134 
NCI H36A   H N N 135 
NCI HN7    H N N 136 
NCI H40    H N N 137 
NCI H42    H N N 138 
NCI H4     H N N 139 
NCI H45    H N N 140 
NCI H47    H N N 141 
NCI H49    H N N 142 
NCI H85    H N N 143 
NCI HN52   H N N 144 
NCI H55    H N N 145 
NCI H55A   H N N 146 
NCI H58    H N N 147 
NCI H58A   H N N 148 
NCI H63    H N N 149 
NCI H77    H N N 150 
NCI H77A   H N N 151 
NCI H80    H N N 152 
NCI H80A   H N N 153 
NCI H80B   H N N 154 
NCI H66    H N N 155 
NCI H66A   H N N 156 
NCI H69    H N N 157 
NCI H69A   H N N 158 
NCI H72    H N N 159 
NCI H72A   H N N 160 
NCI H75    H N N 161 
NCI H75A   H N N 162 
# 
loop_
_chem_comp_bond.comp_id 
_chem_comp_bond.atom_id_1 
_chem_comp_bond.atom_id_2 
_chem_comp_bond.value_order 
_chem_comp_bond.pdbx_aromatic_flag 
_chem_comp_bond.pdbx_stereo_config 
_chem_comp_bond.pdbx_ordinal 
DG  OP3   P      sing N N 1   
DG  OP3   HOP3   sing N N 2   
DG  P     OP1    doub N N 3   
DG  P     OP2    sing N N 4   
DG  P     "O5'"  sing N N 5   
DG  OP2   HOP2   sing N N 6   
DG  "O5'" "C5'"  sing N N 7   
DG  "C5'" "C4'"  sing N N 8   
DG  "C5'" "H5'"  sing N N 9   
DG  "C5'" "H5''" sing N N 10  
DG  "C4'" "O4'"  sing N N 11  
DG  "C4'" "C3'"  sing N N 12  
DG  "C4'" "H4'"  sing N N 13  
DG  "O4'" "C1'"  sing N N 14  
DG  "C3'" "O3'"  sing N N 15  
DG  "C3'" "C2'"  sing N N 16  
DG  "C3'" "H3'"  sing N N 17  
DG  "O3'" "HO3'" sing N N 18  
DG  "C2'" "C1'"  sing N N 19  
DG  "C2'" "H2'"  sing N N 20  
DG  "C2'" "H2''" sing N N 21  
DG  "C1'" N9     sing N N 22  
DG  "C1'" "H1'"  sing N N 23  
DG  N9    C8     sing Y N 24  
DG  N9    C4     sing Y N 25  
DG  C8    N7     doub Y N 26  
DG  C8    H8     sing N N 27  
DG  N7    C5     sing Y N 28  
DG  C5    C6     sing N N 29  
DG  C5    C4     doub Y N 30  
DG  C6    O6     doub N N 31  
DG  C6    N1     sing N N 32  
DG  N1    C2     sing N N 33  
DG  N1    H1     sing N N 34  
DG  C2    N2     sing N N 35  
DG  C2    N3     doub N N 36  
DG  N2    H21    sing N N 37  
DG  N2    H22    sing N N 38  
DG  N3    C4     sing N N 39  
DT  OP3   P      sing N N 40  
DT  OP3   HOP3   sing N N 41  
DT  P     OP1    doub N N 42  
DT  P     OP2    sing N N 43  
DT  P     "O5'"  sing N N 44  
DT  OP2   HOP2   sing N N 45  
DT  "O5'" "C5'"  sing N N 46  
DT  "C5'" "C4'"  sing N N 47  
DT  "C5'" "H5'"  sing N N 48  
DT  "C5'" "H5''" sing N N 49  
DT  "C4'" "O4'"  sing N N 50  
DT  "C4'" "C3'"  sing N N 51  
DT  "C4'" "H4'"  sing N N 52  
DT  "O4'" "C1'"  sing N N 53  
DT  "C3'" "O3'"  sing N N 54  
DT  "C3'" "C2'"  sing N N 55  
DT  "C3'" "H3'"  sing N N 56  
DT  "O3'" "HO3'" sing N N 57  
DT  "C2'" "C1'"  sing N N 58  
DT  "C2'" "H2'"  sing N N 59  
DT  "C2'" "H2''" sing N N 60  
DT  "C1'" N1     sing N N 61  
DT  "C1'" "H1'"  sing N N 62  
DT  N1    C2     sing N N 63  
DT  N1    C6     sing N N 64  
DT  C2    O2     doub N N 65  
DT  C2    N3     sing N N 66  
DT  N3    C4     sing N N 67  
DT  N3    H3     sing N N 68  
DT  C4    O4     doub N N 69  
DT  C4    C5     sing N N 70  
DT  C5    C7     sing N N 71  
DT  C5    C6     doub N N 72  
DT  C7    H71    sing N N 73  
DT  C7    H72    sing N N 74  
DT  C7    H73    sing N N 75  
DT  C6    H6     sing N N 76  
HOH O     H1     sing N N 77  
HOH O     H2     sing N N 78  
NCI C9    O39    doub N N 79  
NCI C10   C9     sing N N 80  
NCI C9    N7     sing N N 81  
NCI C13   C10    sing N N 82  
NCI C10   H10    sing N N 83  
NCI C10   H10A   sing N N 84  
NCI N16   C13    sing N N 85  
NCI C13   H13    sing N N 86  
NCI C13   H13A   sing N N 87  
NCI C18   N16    sing N N 88  
NCI C36   N16    sing N N 89  
NCI C27   C18    sing N N 90  
NCI C18   C20    sing N N 91  
NCI C18   H18    sing N N 92  
NCI C23   C20    sing N N 93  
NCI C20   H20    sing N N 94  
NCI C20   H20A   sing N N 95  
NCI C23   H23    sing N N 96  
NCI C23   H23A   sing N N 97  
NCI C23   H23B   sing N N 98  
NCI C30   C27    sing N N 99  
NCI C27   H27    sing N N 100 
NCI C27   H27A   sing N N 101 
NCI C30   C33    sing N N 102 
NCI C30   H30    sing N N 103 
NCI C30   H30A   sing N N 104 
NCI C33   C36    sing N N 105 
NCI C33   H33    sing N N 106 
NCI C33   H33A   sing N N 107 
NCI C36   H36    sing N N 108 
NCI C36   H36A   sing N N 109 
NCI N7    C6     sing N N 110 
NCI N7    HN7    sing N N 111 
NCI C6    C4     doub Y N 112 
NCI C6    C40    sing Y N 113 
NCI C40   C42    doub Y N 114 
NCI C40   H40    sing N N 115 
NCI C42   C44    sing Y N 116 
NCI C42   H42    sing N N 117 
NCI C4    C3     sing Y N 118 
NCI C4    H4     sing N N 119 
NCI C3    N1     doub Y N 120 
NCI C3    C44    sing Y N 121 
NCI N1    C87    sing Y N 122 
NCI C44   C45    doub Y N 123 
NCI C45   C2     sing Y N 124 
NCI C45   H45    sing N N 125 
NCI C87   C2     sing Y N 126 
NCI C2    C47    doub Y N 127 
NCI C47   C49    sing Y N 128 
NCI C47   H47    sing N N 129 
NCI C51   C49    doub Y N 130 
NCI C49   H49    sing N N 131 
NCI C85   C51    sing Y N 132 
NCI C51   N52    sing N N 133 
NCI C87   C85    doub Y N 134 
NCI C85   H85    sing N N 135 
NCI C54   N52    sing N N 136 
NCI N52   HN52   sing N N 137 
NCI O84   C54    doub N N 138 
NCI C54   C55    sing N N 139 
NCI C58   C55    sing N N 140 
NCI C55   H55    sing N N 141 
NCI C55   H55A   sing N N 142 
NCI C58   N61    sing N N 143 
NCI C58   H58    sing N N 144 
NCI C58   H58A   sing N N 145 
NCI C63   N61    sing N N 146 
NCI N61   C75    sing N N 147 
NCI C77   C63    sing N N 148 
NCI C63   C66    sing N N 149 
NCI C63   H63    sing N N 150 
NCI C80   C77    sing N N 151 
NCI C77   H77    sing N N 152 
NCI C77   H77A   sing N N 153 
NCI C80   H80    sing N N 154 
NCI C80   H80A   sing N N 155 
NCI C80   H80B   sing N N 156 
NCI C66   C69    sing N N 157 
NCI C66   H66    sing N N 158 
NCI C66   H66A   sing N N 159 
NCI C69   C72    sing N N 160 
NCI C69   H69    sing N N 161 
NCI C69   H69A   sing N N 162 
NCI C75   C72    sing N N 163 
NCI C72   H72    sing N N 164 
NCI C72   H72A   sing N N 165 
NCI C75   H75    sing N N 166 
NCI C75   H75A   sing N N 167 
# 
_ndb_struct_conf_na.entry_id   3EQW 
_ndb_struct_conf_na.feature    'quadruple helix' 
# 
loop_
_pdbx_entity_nonpoly.entity_id 
_pdbx_entity_nonpoly.name 
_pdbx_entity_nonpoly.comp_id 
2 'POTASSIUM ION'                                             K   
3 '3,6-Bis{3-[(2R)-(2-ethylpiperidino)]propionamido}acridine' NCI 
4 water                                                       HOH 
# 
_pdbx_initial_refinement_model.id               1 
_pdbx_initial_refinement_model.entity_id_list   ? 
_pdbx_initial_refinement_model.type             'experimental model' 
_pdbx_initial_refinement_model.source_name      PDB 
_pdbx_initial_refinement_model.accession_code   1L1H 
_pdbx_initial_refinement_model.details          'PDB entry 1L1H' 
# 
